data_4I0X
#
_entry.id   4I0X
#
_cell.length_a   47.600
_cell.length_b   74.060
_cell.length_c   84.420
_cell.angle_alpha   114.57
_cell.angle_beta   103.28
_cell.angle_gamma   95.52
#
_symmetry.space_group_name_H-M   'P 1'
#
loop_
_entity.id
_entity.type
_entity.pdbx_description
1 polymer 'ESAT-6-like protein MAB_3112'
2 polymer 'ESAT-6-like protein MAB_3113'
3 non-polymer 'SULFATE ION'
4 non-polymer BETA-MERCAPTOETHANOL
5 non-polymer GLYCEROL
6 water water
#
loop_
_entity_poly.entity_id
_entity_poly.type
_entity_poly.pdbx_seq_one_letter_code
_entity_poly.pdbx_strand_id
1 'polypeptide(L)'
;SIDEVGALSKFAASLADQMRAGSNSLDRDVQSLFGVWKGSAADAYRSGWDEMQDGATKVWNALTDIASTLGSNAAAFHAQ
ETSTASSITSTQAD
;
A,C,E,G,I,K
2 'polypeptide(L)'
;MAAHVESEFSFDLDHIEQVTSRARGFKEFVTENLDQLESRAQKLVQSGQWAGAAAAAYSQAHKEWMDAARELVEGLSQME
EAARTAHGAYSEAQEANLRMARG
;
B,D,F,H,J,L
#
# COMPACT_ATOMS: atom_id res chain seq x y z
N ASP A 3 -19.99 -32.20 -8.17
CA ASP A 3 -20.30 -31.13 -7.23
C ASP A 3 -19.02 -30.51 -6.75
N GLU A 4 -17.95 -31.29 -6.67
CA GLU A 4 -16.65 -30.75 -6.33
C GLU A 4 -16.22 -29.70 -7.34
N VAL A 5 -16.68 -29.82 -8.59
CA VAL A 5 -16.31 -28.83 -9.60
C VAL A 5 -16.93 -27.47 -9.29
N GLY A 6 -18.25 -27.46 -9.06
CA GLY A 6 -18.93 -26.28 -8.56
C GLY A 6 -18.33 -25.75 -7.27
N ALA A 7 -17.92 -26.64 -6.37
CA ALA A 7 -17.35 -26.18 -5.10
C ALA A 7 -16.00 -25.45 -5.30
N LEU A 8 -15.20 -25.97 -6.21
CA LEU A 8 -13.91 -25.34 -6.46
C LEU A 8 -14.06 -24.02 -7.19
N SER A 9 -15.06 -23.93 -8.06
CA SER A 9 -15.31 -22.67 -8.73
C SER A 9 -15.69 -21.59 -7.73
N LYS A 10 -16.49 -21.95 -6.75
CA LYS A 10 -16.95 -21.01 -5.72
C LYS A 10 -15.79 -20.67 -4.82
N PHE A 11 -14.96 -21.66 -4.55
CA PHE A 11 -13.81 -21.44 -3.67
C PHE A 11 -12.82 -20.47 -4.32
N ALA A 12 -12.45 -20.75 -5.56
CA ALA A 12 -11.54 -19.87 -6.28
C ALA A 12 -12.09 -18.42 -6.40
N ALA A 13 -13.38 -18.30 -6.71
CA ALA A 13 -14.01 -17.01 -6.86
C ALA A 13 -14.00 -16.24 -5.55
N SER A 14 -14.34 -16.91 -4.47
CA SER A 14 -14.33 -16.29 -3.13
C SER A 14 -12.93 -15.82 -2.72
N LEU A 15 -11.93 -16.67 -2.95
CA LEU A 15 -10.58 -16.33 -2.61
C LEU A 15 -10.12 -15.12 -3.43
N ALA A 16 -10.47 -15.08 -4.72
CA ALA A 16 -10.18 -13.92 -5.58
C ALA A 16 -10.75 -12.63 -4.98
N ASP A 17 -12.02 -12.65 -4.57
CA ASP A 17 -12.65 -11.47 -3.99
C ASP A 17 -11.90 -11.01 -2.72
N GLN A 18 -11.55 -11.95 -1.86
CA GLN A 18 -10.81 -11.62 -0.63
C GLN A 18 -9.38 -11.11 -0.90
N MET A 19 -8.70 -11.67 -1.89
CA MET A 19 -7.34 -11.21 -2.23
C MET A 19 -7.33 -9.82 -2.81
N ARG A 20 -8.35 -9.51 -3.60
CA ARG A 20 -8.45 -8.21 -4.19
C ARG A 20 -8.63 -7.17 -3.10
N ALA A 21 -9.59 -7.42 -2.20
CA ALA A 21 -9.84 -6.55 -1.06
C ALA A 21 -8.61 -6.38 -0.19
N GLY A 22 -7.96 -7.49 0.12
CA GLY A 22 -6.80 -7.49 0.99
C GLY A 22 -5.66 -6.72 0.39
N SER A 23 -5.40 -6.98 -0.89
CA SER A 23 -4.39 -6.28 -1.63
C SER A 23 -4.61 -4.76 -1.68
N ASN A 24 -5.83 -4.32 -1.94
CA ASN A 24 -6.13 -2.89 -2.01
C ASN A 24 -5.94 -2.23 -0.64
N SER A 25 -6.41 -2.93 0.38
CA SER A 25 -6.25 -2.48 1.76
C SER A 25 -4.79 -2.34 2.15
N LEU A 26 -3.98 -3.31 1.78
CA LEU A 26 -2.56 -3.25 2.13
C LEU A 26 -1.86 -2.15 1.37
N ASP A 27 -2.29 -1.91 0.14
CA ASP A 27 -1.70 -0.89 -0.70
C ASP A 27 -1.90 0.48 -0.06
N ARG A 28 -3.09 0.73 0.45
CA ARG A 28 -3.35 1.96 1.15
C ARG A 28 -2.48 2.09 2.42
N ASP A 29 -2.38 1.01 3.15
CA ASP A 29 -1.57 1.03 4.38
C ASP A 29 -0.10 1.31 4.08
N VAL A 30 0.42 0.59 3.10
CA VAL A 30 1.81 0.73 2.72
C VAL A 30 2.11 2.12 2.26
N GLN A 31 1.31 2.63 1.32
CA GLN A 31 1.52 4.00 0.85
C GLN A 31 1.47 5.01 2.00
N SER A 32 0.65 4.78 3.04
CA SER A 32 0.57 5.78 4.11
C SER A 32 1.89 5.87 4.87
N LEU A 33 2.73 4.84 4.80
CA LEU A 33 3.99 4.89 5.56
C LEU A 33 4.99 5.90 5.02
N PHE A 34 4.87 6.24 3.73
CA PHE A 34 5.92 6.99 3.05
C PHE A 34 5.85 8.48 3.27
N GLY A 35 4.73 8.93 3.83
CA GLY A 35 4.60 10.28 4.30
C GLY A 35 5.64 10.62 5.36
N VAL A 36 6.00 9.65 6.19
CA VAL A 36 7.04 9.93 7.20
C VAL A 36 8.32 9.12 6.99
N TRP A 37 8.20 7.91 6.47
CA TRP A 37 9.37 7.05 6.36
C TRP A 37 10.11 7.34 5.07
N LYS A 38 11.34 7.83 5.22
CA LYS A 38 12.23 8.19 4.12
C LYS A 38 13.56 7.41 4.17
N GLY A 39 14.28 7.37 3.06
CA GLY A 39 15.59 6.77 3.01
C GLY A 39 15.64 5.42 2.30
N SER A 40 16.82 4.81 2.33
CA SER A 40 17.07 3.59 1.58
C SER A 40 16.20 2.38 2.00
N ALA A 41 15.82 2.29 3.27
CA ALA A 41 14.97 1.16 3.70
C ALA A 41 13.54 1.43 3.24
N ALA A 42 13.12 2.68 3.33
CA ALA A 42 11.79 2.99 2.83
C ALA A 42 11.70 2.66 1.34
N ASP A 43 12.77 2.93 0.59
CA ASP A 43 12.80 2.75 -0.84
C ASP A 43 12.72 1.28 -1.14
N ALA A 44 13.46 0.49 -0.38
CA ALA A 44 13.47 -0.97 -0.59
C ALA A 44 12.11 -1.57 -0.24
N TYR A 45 11.47 -1.04 0.80
CA TYR A 45 10.14 -1.49 1.19
C TYR A 45 9.12 -1.20 0.08
N ARG A 46 9.14 0.03 -0.43
CA ARG A 46 8.32 0.36 -1.56
C ARG A 46 8.49 -0.58 -2.76
N SER A 47 9.71 -0.98 -3.12
CA SER A 47 9.83 -1.87 -4.25
C SER A 47 9.50 -3.34 -3.89
N GLY A 48 9.67 -3.73 -2.63
CA GLY A 48 9.16 -5.00 -2.15
C GLY A 48 7.65 -5.11 -2.26
N TRP A 49 6.95 -4.05 -1.85
CA TRP A 49 5.50 -4.00 -1.92
C TRP A 49 5.00 -4.01 -3.36
N ASP A 50 5.66 -3.26 -4.23
CA ASP A 50 5.35 -3.28 -5.64
C ASP A 50 5.44 -4.69 -6.20
N GLU A 51 6.47 -5.43 -5.80
CA GLU A 51 6.60 -6.83 -6.23
C GLU A 51 5.53 -7.71 -5.55
N MET A 52 5.28 -7.53 -4.26
CA MET A 52 4.19 -8.25 -3.62
C MET A 52 2.78 -8.03 -4.27
N GLN A 53 2.43 -6.78 -4.54
CA GLN A 53 1.16 -6.42 -5.12
C GLN A 53 1.07 -6.98 -6.55
N ASP A 54 2.19 -6.97 -7.26
CA ASP A 54 2.22 -7.54 -8.60
C ASP A 54 1.90 -9.03 -8.49
N GLY A 55 2.46 -9.73 -7.51
CA GLY A 55 2.22 -11.14 -7.36
C GLY A 55 0.76 -11.41 -7.03
N ALA A 56 0.24 -10.59 -6.14
CA ALA A 56 -1.14 -10.71 -5.69
C ALA A 56 -2.12 -10.53 -6.83
N THR A 57 -1.89 -9.54 -7.67
CA THR A 57 -2.67 -9.34 -8.89
C THR A 57 -2.67 -10.55 -9.86
N LYS A 58 -1.49 -11.09 -10.11
CA LYS A 58 -1.38 -12.26 -10.97
C LYS A 58 -2.14 -13.45 -10.34
N VAL A 59 -2.05 -13.60 -9.02
CA VAL A 59 -2.81 -14.68 -8.36
C VAL A 59 -4.33 -14.49 -8.56
N TRP A 60 -4.78 -13.26 -8.35
CA TRP A 60 -6.20 -12.90 -8.41
C TRP A 60 -6.72 -13.17 -9.80
N ASN A 61 -5.93 -12.81 -10.79
CA ASN A 61 -6.27 -13.06 -12.19
C ASN A 61 -6.36 -14.52 -12.53
N ALA A 62 -5.46 -15.31 -11.98
CA ALA A 62 -5.46 -16.75 -12.26
C ALA A 62 -6.64 -17.41 -11.59
N LEU A 63 -6.96 -16.99 -10.38
CA LEU A 63 -8.12 -17.50 -9.64
C LEU A 63 -9.45 -17.20 -10.33
N THR A 64 -9.61 -15.99 -10.79
CA THR A 64 -10.77 -15.57 -11.51
C THR A 64 -10.94 -16.34 -12.80
N ASP A 65 -9.87 -16.52 -13.53
CA ASP A 65 -9.90 -17.30 -14.77
C ASP A 65 -10.35 -18.72 -14.49
N ILE A 66 -9.72 -19.43 -13.58
CA ILE A 66 -10.12 -20.82 -13.40
C ILE A 66 -11.53 -20.87 -12.82
N ALA A 67 -11.87 -19.93 -11.96
CA ALA A 67 -13.24 -19.93 -11.39
C ALA A 67 -14.26 -19.84 -12.50
N SER A 68 -14.04 -18.94 -13.45
CA SER A 68 -14.97 -18.73 -14.56
C SER A 68 -15.05 -19.94 -15.49
N THR A 69 -13.90 -20.49 -15.83
CA THR A 69 -13.85 -21.66 -16.70
C THR A 69 -14.57 -22.82 -16.05
N LEU A 70 -14.33 -23.07 -14.78
CA LEU A 70 -15.03 -24.14 -14.08
C LEU A 70 -16.53 -23.86 -13.94
N GLY A 71 -16.91 -22.60 -13.76
CA GLY A 71 -18.32 -22.27 -13.63
C GLY A 71 -19.02 -22.32 -14.96
N SER A 72 -18.39 -21.78 -15.99
CA SER A 72 -19.06 -21.69 -17.28
C SER A 72 -18.88 -22.95 -18.14
N ASN A 73 -17.76 -23.65 -18.02
CA ASN A 73 -17.55 -24.90 -18.79
C ASN A 73 -17.58 -26.17 -17.92
N ALA A 74 -18.46 -26.18 -16.94
CA ALA A 74 -18.57 -27.28 -15.99
C ALA A 74 -18.51 -28.67 -16.65
N ALA A 75 -19.19 -28.85 -17.78
CA ALA A 75 -19.30 -30.16 -18.45
C ALA A 75 -17.96 -30.81 -18.84
N ALA A 76 -16.99 -30.00 -19.24
CA ALA A 76 -15.68 -30.51 -19.70
C ALA A 76 -14.82 -30.96 -18.52
N PHE A 77 -15.27 -30.62 -17.31
CA PHE A 77 -14.58 -31.01 -16.09
C PHE A 77 -15.27 -32.21 -15.44
N GLU B 8 12.77 5.96 22.19
CA GLU B 8 13.65 4.93 21.63
C GLU B 8 13.11 4.40 20.29
N PHE B 9 11.93 3.77 20.36
CA PHE B 9 11.29 3.09 19.22
C PHE B 9 10.01 3.84 18.88
N SER B 10 10.12 4.69 17.88
CA SER B 10 9.08 5.63 17.61
C SER B 10 7.77 4.99 17.12
N PHE B 11 6.72 5.78 17.18
CA PHE B 11 5.43 5.37 16.67
C PHE B 11 5.56 4.90 15.22
N ASP B 12 6.33 5.64 14.42
CA ASP B 12 6.46 5.35 12.99
C ASP B 12 7.06 3.98 12.76
N LEU B 13 8.02 3.58 13.58
CA LEU B 13 8.60 2.25 13.41
C LEU B 13 7.59 1.18 13.82
N ASP B 14 6.81 1.41 14.87
CA ASP B 14 5.74 0.49 15.22
C ASP B 14 4.68 0.39 14.11
N HIS B 15 4.39 1.50 13.46
CA HIS B 15 3.44 1.52 12.36
C HIS B 15 3.96 0.65 11.19
N ILE B 16 5.23 0.81 10.84
CA ILE B 16 5.85 0.00 9.79
C ILE B 16 5.74 -1.47 10.12
N GLU B 17 6.09 -1.82 11.35
CA GLU B 17 6.03 -3.19 11.79
C GLU B 17 4.60 -3.76 11.73
N GLN B 18 3.59 -2.98 12.11
CA GLN B 18 2.20 -3.40 12.00
C GLN B 18 1.74 -3.65 10.55
N VAL B 19 2.11 -2.77 9.63
CA VAL B 19 1.75 -2.93 8.24
C VAL B 19 2.44 -4.18 7.68
N THR B 20 3.67 -4.40 8.11
CA THR B 20 4.45 -5.52 7.60
C THR B 20 3.83 -6.78 8.11
N SER B 21 3.36 -6.72 9.35
CA SER B 21 2.70 -7.84 9.98
C SER B 21 1.37 -8.19 9.23
N ARG B 22 0.66 -7.17 8.75
CA ARG B 22 -0.57 -7.40 7.96
C ARG B 22 -0.24 -8.03 6.59
N ALA B 23 0.88 -7.62 6.02
CA ALA B 23 1.36 -8.17 4.75
C ALA B 23 1.78 -9.65 4.91
N ARG B 24 2.34 -9.98 6.05
CA ARG B 24 2.66 -11.35 6.39
C ARG B 24 1.40 -12.23 6.61
N GLY B 25 0.42 -11.67 7.28
CA GLY B 25 -0.86 -12.32 7.48
C GLY B 25 -1.53 -12.56 6.15
N PHE B 26 -1.39 -11.61 5.24
CA PHE B 26 -1.97 -11.76 3.92
C PHE B 26 -1.27 -12.88 3.14
N LYS B 27 0.06 -12.85 3.10
CA LYS B 27 0.80 -13.92 2.45
C LYS B 27 0.42 -15.29 3.00
N GLU B 28 0.27 -15.42 4.31
CA GLU B 28 -0.06 -16.72 4.93
C GLU B 28 -1.47 -17.18 4.50
N PHE B 29 -2.37 -16.22 4.46
CA PHE B 29 -3.75 -16.45 4.04
C PHE B 29 -3.79 -16.90 2.57
N VAL B 30 -3.04 -16.24 1.72
CA VAL B 30 -2.99 -16.61 0.31
C VAL B 30 -2.41 -18.00 0.11
N THR B 31 -1.29 -18.32 0.75
CA THR B 31 -0.66 -19.62 0.53
C THR B 31 -1.45 -20.80 1.13
N GLU B 32 -2.04 -20.58 2.30
CA GLU B 32 -2.89 -21.57 2.91
C GLU B 32 -4.04 -21.95 1.98
N ASN B 33 -4.68 -20.95 1.39
CA ASN B 33 -5.87 -21.27 0.60
C ASN B 33 -5.60 -21.78 -0.81
N LEU B 34 -4.52 -21.31 -1.41
CA LEU B 34 -4.02 -21.90 -2.65
C LEU B 34 -3.64 -23.35 -2.42
N ASP B 35 -3.04 -23.66 -1.25
CA ASP B 35 -2.72 -25.03 -0.89
C ASP B 35 -3.96 -25.92 -0.84
N GLN B 36 -5.05 -25.37 -0.29
CA GLN B 36 -6.28 -26.15 -0.14
C GLN B 36 -6.90 -26.39 -1.53
N LEU B 37 -6.87 -25.36 -2.35
CA LEU B 37 -7.38 -25.43 -3.71
C LEU B 37 -6.58 -26.43 -4.55
N GLU B 38 -5.26 -26.34 -4.49
CA GLU B 38 -4.39 -27.24 -5.26
C GLU B 38 -4.62 -28.69 -4.84
N SER B 39 -4.73 -28.91 -3.53
CA SER B 39 -4.92 -30.23 -2.99
C SER B 39 -6.23 -30.87 -3.50
N ARG B 40 -7.32 -30.10 -3.52
CA ARG B 40 -8.60 -30.66 -3.95
C ARG B 40 -8.65 -30.81 -5.46
N ALA B 41 -8.07 -29.86 -6.17
CA ALA B 41 -8.07 -29.93 -7.63
C ALA B 41 -7.13 -31.01 -8.16
N GLN B 42 -5.99 -31.19 -7.50
CA GLN B 42 -5.02 -32.17 -7.96
C GLN B 42 -5.56 -33.58 -7.81
N LYS B 43 -6.39 -33.81 -6.79
CA LYS B 43 -7.09 -35.10 -6.71
C LYS B 43 -7.85 -35.34 -8.00
N LEU B 44 -8.49 -34.31 -8.54
CA LEU B 44 -9.33 -34.52 -9.73
C LEU B 44 -8.50 -34.85 -10.96
N VAL B 45 -7.33 -34.24 -11.10
CA VAL B 45 -6.45 -34.57 -12.21
C VAL B 45 -5.93 -35.98 -11.99
N GLN B 46 -5.57 -36.30 -10.76
CA GLN B 46 -5.06 -37.61 -10.42
C GLN B 46 -6.07 -38.70 -10.76
N SER B 47 -7.33 -38.47 -10.42
CA SER B 47 -8.35 -39.50 -10.65
C SER B 47 -8.67 -39.67 -12.13
N GLY B 48 -8.29 -38.69 -12.95
CA GLY B 48 -8.65 -38.68 -14.36
C GLY B 48 -9.95 -37.98 -14.68
N GLN B 49 -10.64 -37.50 -13.66
CA GLN B 49 -11.89 -36.80 -13.90
C GLN B 49 -11.59 -35.53 -14.67
N TRP B 50 -10.41 -34.96 -14.45
CA TRP B 50 -9.98 -33.79 -15.23
C TRP B 50 -8.83 -34.23 -16.12
N ALA B 51 -9.11 -34.31 -17.40
CA ALA B 51 -8.14 -34.76 -18.40
C ALA B 51 -8.25 -33.81 -19.59
N GLY B 52 -7.30 -33.91 -20.52
CA GLY B 52 -7.32 -33.08 -21.72
C GLY B 52 -7.44 -31.59 -21.42
N ALA B 53 -8.33 -30.93 -22.16
CA ALA B 53 -8.49 -29.47 -22.06
C ALA B 53 -8.74 -29.02 -20.63
N ALA B 54 -9.50 -29.83 -19.90
CA ALA B 54 -9.79 -29.56 -18.49
C ALA B 54 -8.53 -29.49 -17.64
N ALA B 55 -7.66 -30.47 -17.80
CA ALA B 55 -6.37 -30.43 -17.12
C ALA B 55 -5.49 -29.26 -17.58
N ALA B 56 -5.50 -28.97 -18.88
CA ALA B 56 -4.71 -27.85 -19.40
C ALA B 56 -5.14 -26.55 -18.71
N ALA B 57 -6.45 -26.36 -18.53
CA ALA B 57 -6.95 -25.11 -17.94
C ALA B 57 -6.46 -24.98 -16.51
N TYR B 58 -6.58 -26.08 -15.77
CA TYR B 58 -6.11 -26.07 -14.40
C TYR B 58 -4.61 -25.83 -14.34
N SER B 59 -3.89 -26.54 -15.20
CA SER B 59 -2.47 -26.49 -15.19
C SER B 59 -2.01 -25.01 -15.44
N GLN B 60 -2.68 -24.33 -16.36
CA GLN B 60 -2.31 -22.96 -16.72
C GLN B 60 -2.50 -22.02 -15.56
N ALA B 61 -3.67 -22.09 -14.90
CA ALA B 61 -3.99 -21.23 -13.79
C ALA B 61 -3.03 -21.53 -12.65
N HIS B 62 -2.77 -22.80 -12.41
CA HIS B 62 -1.88 -23.21 -11.34
C HIS B 62 -0.42 -22.73 -11.55
N LYS B 63 0.04 -22.78 -12.78
CA LYS B 63 1.32 -22.24 -13.12
C LYS B 63 1.33 -20.75 -12.78
N GLU B 64 0.28 -20.02 -13.14
CA GLU B 64 0.28 -18.59 -12.92
C GLU B 64 0.30 -18.27 -11.44
N TRP B 65 -0.53 -18.94 -10.66
CA TRP B 65 -0.57 -18.54 -9.27
C TRP B 65 0.62 -19.00 -8.45
N MET B 66 1.27 -20.07 -8.89
CA MET B 66 2.45 -20.58 -8.25
C MET B 66 3.61 -19.61 -8.50
N ASP B 67 3.79 -19.19 -9.73
CA ASP B 67 4.86 -18.26 -9.99
C ASP B 67 4.55 -16.95 -9.29
N ALA B 68 3.27 -16.55 -9.28
CA ALA B 68 2.88 -15.33 -8.58
C ALA B 68 3.05 -15.41 -7.07
N ALA B 69 2.67 -16.54 -6.49
CA ALA B 69 2.91 -16.76 -5.06
C ALA B 69 4.37 -16.58 -4.70
N ARG B 70 5.30 -17.09 -5.53
CA ARG B 70 6.74 -16.91 -5.31
C ARG B 70 7.09 -15.42 -5.33
N GLU B 71 6.48 -14.68 -6.24
CA GLU B 71 6.77 -13.27 -6.38
C GLU B 71 6.20 -12.55 -5.19
N LEU B 72 5.09 -13.06 -4.68
CA LEU B 72 4.48 -12.47 -3.54
C LEU B 72 5.35 -12.66 -2.27
N VAL B 73 5.95 -13.83 -2.11
CA VAL B 73 6.81 -14.09 -0.97
C VAL B 73 8.16 -13.34 -1.08
N GLU B 74 8.71 -13.24 -2.28
CA GLU B 74 9.97 -12.54 -2.46
C GLU B 74 9.79 -11.04 -2.15
N GLY B 75 8.65 -10.49 -2.55
CA GLY B 75 8.33 -9.11 -2.24
C GLY B 75 8.21 -8.90 -0.74
N LEU B 76 7.43 -9.75 -0.10
CA LEU B 76 7.33 -9.68 1.34
C LEU B 76 8.70 -9.77 2.02
N SER B 77 9.58 -10.64 1.53
CA SER B 77 10.94 -10.79 2.07
C SER B 77 11.74 -9.52 2.00
N GLN B 78 11.59 -8.80 0.90
CA GLN B 78 12.20 -7.50 0.75
C GLN B 78 11.66 -6.47 1.75
N MET B 79 10.35 -6.49 1.97
CA MET B 79 9.70 -5.60 2.92
C MET B 79 10.17 -5.86 4.33
N GLU B 80 10.23 -7.13 4.70
CA GLU B 80 10.79 -7.52 5.99
C GLU B 80 12.22 -7.15 6.20
N GLU B 81 13.12 -7.35 5.24
CA GLU B 81 14.50 -6.89 5.37
C GLU B 81 14.55 -5.38 5.54
N ALA B 82 13.75 -4.65 4.79
CA ALA B 82 13.71 -3.21 4.92
C ALA B 82 13.21 -2.75 6.32
N ALA B 83 12.17 -3.40 6.83
CA ALA B 83 11.63 -2.99 8.12
C ALA B 83 12.64 -3.32 9.19
N ARG B 84 13.31 -4.47 9.03
CA ARG B 84 14.38 -4.85 9.96
C ARG B 84 15.43 -3.79 9.98
N THR B 85 15.84 -3.37 8.77
CA THR B 85 16.85 -2.32 8.63
C THR B 85 16.43 -1.07 9.34
N ALA B 86 15.17 -0.71 9.23
CA ALA B 86 14.65 0.48 9.89
C ALA B 86 14.72 0.35 11.43
N HIS B 87 14.52 -0.87 11.96
CA HIS B 87 14.50 -1.15 13.42
C HIS B 87 15.90 -1.28 14.02
N GLY B 88 16.95 -1.25 13.21
CA GLY B 88 18.29 -1.54 13.69
C GLY B 88 18.83 -2.98 13.51
N ALA B 89 18.08 -3.84 12.84
CA ALA B 89 18.49 -5.25 12.69
C ALA B 89 19.12 -5.46 11.31
N TYR B 90 20.24 -4.79 11.12
CA TYR B 90 20.99 -4.75 9.87
C TYR B 90 21.58 -6.10 9.50
N ASP C 3 -15.18 2.94 19.70
CA ASP C 3 -13.97 2.15 19.70
C ASP C 3 -12.78 2.93 20.25
N GLU C 4 -11.62 2.28 20.31
CA GLU C 4 -10.42 2.89 20.89
C GLU C 4 -10.01 4.11 20.08
N VAL C 5 -10.12 4.04 18.76
CA VAL C 5 -9.74 5.19 17.93
C VAL C 5 -10.64 6.36 18.25
N GLY C 6 -11.91 6.06 18.41
CA GLY C 6 -12.89 7.07 18.76
C GLY C 6 -12.57 7.69 20.11
N ALA C 7 -12.10 6.86 21.05
CA ALA C 7 -11.67 7.38 22.35
C ALA C 7 -10.44 8.27 22.24
N LEU C 8 -9.53 7.93 21.34
CA LEU C 8 -8.37 8.82 21.15
C LEU C 8 -8.82 10.19 20.66
N SER C 9 -9.77 10.18 19.73
CA SER C 9 -10.35 11.41 19.16
C SER C 9 -10.97 12.29 20.24
N LYS C 10 -11.76 11.68 21.12
CA LYS C 10 -12.40 12.45 22.19
C LYS C 10 -11.35 13.04 23.14
N PHE C 11 -10.34 12.23 23.43
CA PHE C 11 -9.32 12.66 24.35
C PHE C 11 -8.58 13.88 23.77
N ALA C 12 -8.15 13.79 22.51
CA ALA C 12 -7.44 14.88 21.85
C ALA C 12 -8.29 16.15 21.78
N ALA C 13 -9.59 15.97 21.53
CA ALA C 13 -10.49 17.11 21.42
C ALA C 13 -10.68 17.77 22.78
N SER C 14 -10.90 16.98 23.81
CA SER C 14 -11.05 17.53 25.14
C SER C 14 -9.79 18.27 25.53
N LEU C 15 -8.63 17.67 25.28
CA LEU C 15 -7.37 18.29 25.65
C LEU C 15 -7.19 19.59 24.90
N ALA C 16 -7.56 19.61 23.62
CA ALA C 16 -7.44 20.82 22.81
C ALA C 16 -8.23 22.00 23.41
N ASP C 17 -9.49 21.73 23.77
CA ASP C 17 -10.39 22.69 24.41
C ASP C 17 -9.80 23.23 25.70
N GLN C 18 -9.30 22.31 26.52
CA GLN C 18 -8.68 22.75 27.77
C GLN C 18 -7.43 23.57 27.54
N MET C 19 -6.60 23.19 26.59
CA MET C 19 -5.37 23.94 26.38
C MET C 19 -5.62 25.34 25.87
N ARG C 20 -6.63 25.48 25.04
CA ARG C 20 -6.91 26.79 24.49
C ARG C 20 -7.41 27.71 25.59
N ALA C 21 -8.31 27.19 26.40
CA ALA C 21 -8.79 27.98 27.51
C ALA C 21 -7.65 28.35 28.44
N GLY C 22 -6.76 27.40 28.73
CA GLY C 22 -5.74 27.66 29.74
C GLY C 22 -4.70 28.63 29.22
N SER C 23 -4.38 28.53 27.95
CA SER C 23 -3.49 29.46 27.30
C SER C 23 -4.03 30.88 27.26
N ASN C 24 -5.30 31.04 26.90
CA ASN C 24 -5.92 32.35 26.91
C ASN C 24 -5.96 32.96 28.30
N SER C 25 -6.19 32.13 29.31
CA SER C 25 -6.21 32.64 30.68
C SER C 25 -4.83 33.10 31.14
N LEU C 26 -3.82 32.32 30.80
CA LEU C 26 -2.45 32.67 31.13
C LEU C 26 -2.03 33.95 30.46
N ASP C 27 -2.44 34.14 29.22
CA ASP C 27 -2.16 35.37 28.51
C ASP C 27 -2.68 36.59 29.26
N ARG C 28 -3.92 36.54 29.75
CA ARG C 28 -4.45 37.64 30.55
C ARG C 28 -3.65 37.81 31.83
N ASP C 29 -3.30 36.71 32.48
CA ASP C 29 -2.40 36.76 33.66
C ASP C 29 -1.04 37.42 33.37
N VAL C 30 -0.39 36.98 32.30
CA VAL C 30 0.94 37.48 31.99
C VAL C 30 0.87 38.95 31.65
N GLN C 31 -0.05 39.32 30.77
CA GLN C 31 -0.20 40.75 30.45
C GLN C 31 -0.48 41.62 31.69
N SER C 32 -1.17 41.08 32.70
CA SER C 32 -1.44 41.86 33.93
C SER C 32 -0.19 42.27 34.71
N LEU C 33 0.94 41.65 34.41
CA LEU C 33 2.19 41.95 35.12
C LEU C 33 2.87 43.24 34.66
N PHE C 34 2.60 43.66 33.42
CA PHE C 34 3.50 44.62 32.79
C PHE C 34 3.15 46.06 33.03
N GLY C 35 2.00 46.29 33.63
CA GLY C 35 1.68 47.64 34.07
C GLY C 35 2.69 48.15 35.07
N VAL C 36 3.14 47.29 35.98
CA VAL C 36 4.09 47.70 37.02
C VAL C 36 5.49 47.09 36.90
N TRP C 37 5.60 45.97 36.18
CA TRP C 37 6.90 45.34 35.99
C TRP C 37 7.51 45.81 34.69
N LYS C 38 8.58 46.60 34.83
CA LYS C 38 9.28 47.18 33.70
C LYS C 38 10.75 46.75 33.63
N GLY C 39 11.35 46.88 32.43
CA GLY C 39 12.75 46.58 32.24
C GLY C 39 13.06 45.29 31.52
N SER C 40 14.35 44.96 31.44
CA SER C 40 14.86 43.84 30.66
C SER C 40 14.30 42.48 31.09
N ALA C 41 14.06 42.31 32.39
CA ALA C 41 13.51 41.02 32.88
C ALA C 41 12.05 40.89 32.49
N ALA C 42 11.29 41.97 32.65
CA ALA C 42 9.91 42.02 32.19
C ALA C 42 9.84 41.71 30.70
N ASP C 43 10.73 42.34 29.93
CA ASP C 43 10.76 42.13 28.51
C ASP C 43 11.12 40.70 28.14
N ALA C 44 12.09 40.10 28.82
CA ALA C 44 12.43 38.68 28.57
C ALA C 44 11.28 37.73 28.94
N TYR C 45 10.56 38.06 29.99
CA TYR C 45 9.35 37.34 30.38
C TYR C 45 8.24 37.41 29.31
N ARG C 46 7.99 38.60 28.80
CA ARG C 46 7.03 38.79 27.72
C ARG C 46 7.42 37.98 26.47
N SER C 47 8.68 38.03 26.06
CA SER C 47 9.10 37.27 24.88
C SER C 47 9.09 35.77 25.20
N GLY C 48 9.29 35.42 26.47
CA GLY C 48 9.21 34.05 26.91
C GLY C 48 7.78 33.55 26.78
N TRP C 49 6.84 34.36 27.25
CA TRP C 49 5.46 33.99 27.20
C TRP C 49 5.00 33.94 25.74
N ASP C 50 5.48 34.87 24.92
CA ASP C 50 5.15 34.83 23.49
C ASP C 50 5.54 33.49 22.85
N GLU C 51 6.71 32.98 23.20
CA GLU C 51 7.16 31.71 22.64
C GLU C 51 6.35 30.52 23.20
N MET C 52 6.09 30.56 24.50
CA MET C 52 5.28 29.52 25.15
C MET C 52 3.86 29.45 24.58
N GLN C 53 3.28 30.61 24.38
CA GLN C 53 1.95 30.69 23.85
C GLN C 53 1.91 30.20 22.40
N ASP C 54 3.00 30.45 21.66
CA ASP C 54 3.09 30.04 20.26
C ASP C 54 3.17 28.53 20.19
N GLY C 55 3.97 27.94 21.07
CA GLY C 55 4.01 26.50 21.26
C GLY C 55 2.64 25.92 21.59
N ALA C 56 1.98 26.45 22.60
CA ALA C 56 0.67 25.94 23.02
C ALA C 56 -0.39 25.98 21.90
N THR C 57 -0.36 27.06 21.13
CA THR C 57 -1.25 27.24 19.98
C THR C 57 -1.00 26.18 18.93
N LYS C 58 0.26 25.90 18.63
CA LYS C 58 0.59 24.90 17.65
C LYS C 58 0.21 23.50 18.14
N VAL C 59 0.35 23.26 19.44
CA VAL C 59 -0.04 21.97 20.04
C VAL C 59 -1.53 21.78 19.90
N TRP C 60 -2.31 22.78 20.28
CA TRP C 60 -3.74 22.57 20.24
C TRP C 60 -4.32 22.51 18.80
N ASN C 61 -3.68 23.17 17.83
CA ASN C 61 -4.04 23.01 16.41
C ASN C 61 -3.84 21.58 15.90
N ALA C 62 -2.69 21.03 16.25
CA ALA C 62 -2.37 19.64 15.95
C ALA C 62 -3.39 18.66 16.61
N LEU C 63 -3.68 18.90 17.88
CA LEU C 63 -4.69 18.09 18.60
C LEU C 63 -6.09 18.15 17.95
N THR C 64 -6.52 19.35 17.58
CA THR C 64 -7.80 19.56 16.94
C THR C 64 -7.81 18.85 15.59
N ASP C 65 -6.70 18.92 14.86
CA ASP C 65 -6.67 18.37 13.52
C ASP C 65 -6.81 16.87 13.57
N ILE C 66 -6.03 16.23 14.44
CA ILE C 66 -6.15 14.79 14.56
C ILE C 66 -7.45 14.36 15.25
N ALA C 67 -7.97 15.14 16.21
CA ALA C 67 -9.26 14.81 16.79
C ALA C 67 -10.29 14.72 15.64
N SER C 68 -10.34 15.75 14.80
CA SER C 68 -11.36 15.79 13.77
C SER C 68 -11.13 14.76 12.63
N THR C 69 -9.87 14.49 12.31
CA THR C 69 -9.55 13.50 11.29
C THR C 69 -9.92 12.11 11.76
N LEU C 70 -9.62 11.81 13.01
CA LEU C 70 -9.96 10.49 13.53
C LEU C 70 -11.46 10.40 13.75
N GLY C 71 -12.06 11.46 14.26
CA GLY C 71 -13.49 11.49 14.51
C GLY C 71 -14.36 11.38 13.26
N SER C 72 -13.80 11.67 12.09
CA SER C 72 -14.60 11.68 10.85
C SER C 72 -14.15 10.67 9.84
N ASN C 73 -13.00 10.05 10.06
CA ASN C 73 -12.46 9.13 9.08
C ASN C 73 -12.16 9.83 7.74
N ALA C 74 -11.75 11.09 7.80
CA ALA C 74 -11.39 11.84 6.61
C ALA C 74 -10.03 11.43 6.03
N ALA C 75 -9.28 10.63 6.78
CA ALA C 75 -7.89 10.29 6.41
C ALA C 75 -7.84 9.49 5.12
N ALA C 76 -8.82 8.61 4.95
CA ALA C 76 -9.03 7.93 3.67
C ALA C 76 -8.85 8.86 2.47
N PHE C 77 -9.57 9.98 2.46
CA PHE C 77 -9.65 10.83 1.27
C PHE C 77 -8.34 11.52 0.91
N PHE D 9 8.75 45.42 46.35
CA PHE D 9 8.56 44.49 45.22
C PHE D 9 7.84 43.23 45.72
N SER D 10 7.72 43.06 47.03
CA SER D 10 7.15 41.84 47.60
C SER D 10 5.89 41.34 46.88
N PHE D 11 4.81 42.13 46.93
CA PHE D 11 3.56 41.71 46.34
C PHE D 11 3.70 41.49 44.84
N ASP D 12 4.45 42.39 44.20
CA ASP D 12 4.62 42.42 42.76
C ASP D 12 5.32 41.13 42.38
N LEU D 13 6.32 40.80 43.17
CA LEU D 13 7.08 39.57 43.03
C LEU D 13 6.21 38.36 43.31
N ASP D 14 5.40 38.42 44.37
CA ASP D 14 4.45 37.35 44.67
C ASP D 14 3.46 37.11 43.53
N HIS D 15 2.99 38.19 42.89
CA HIS D 15 2.12 38.03 41.73
C HIS D 15 2.85 37.38 40.57
N ILE D 16 4.08 37.83 40.32
CA ILE D 16 4.88 37.29 39.23
C ILE D 16 5.08 35.80 39.45
N GLU D 17 5.39 35.44 40.70
CA GLU D 17 5.63 34.04 41.04
C GLU D 17 4.36 33.21 40.89
N GLN D 18 3.20 33.81 41.21
CA GLN D 18 1.94 33.11 41.06
C GLN D 18 1.66 32.83 39.58
N VAL D 19 1.85 33.84 38.73
CA VAL D 19 1.64 33.66 37.30
C VAL D 19 2.63 32.66 36.71
N THR D 20 3.86 32.69 37.18
CA THR D 20 4.86 31.78 36.67
C THR D 20 4.54 30.36 37.09
N SER D 21 4.02 30.22 38.30
CA SER D 21 3.59 28.91 38.82
C SER D 21 2.39 28.35 38.05
N ARG D 22 1.42 29.18 37.69
CA ARG D 22 0.35 28.72 36.80
C ARG D 22 0.86 28.24 35.43
N ALA D 23 1.85 28.94 34.89
CA ALA D 23 2.40 28.60 33.61
C ALA D 23 3.11 27.24 33.71
N ARG D 24 3.80 27.04 34.82
CA ARG D 24 4.47 25.78 35.07
C ARG D 24 3.41 24.69 35.22
N GLY D 25 2.34 24.98 35.95
CA GLY D 25 1.18 24.10 36.08
C GLY D 25 0.58 23.66 34.73
N PHE D 26 0.45 24.64 33.85
CA PHE D 26 -0.06 24.43 32.51
C PHE D 26 0.85 23.55 31.68
N LYS D 27 2.14 23.85 31.70
CA LYS D 27 3.09 23.02 31.00
C LYS D 27 3.04 21.56 31.49
N GLU D 28 2.93 21.34 32.78
CA GLU D 28 2.90 19.98 33.34
C GLU D 28 1.63 19.24 32.92
N PHE D 29 0.54 19.98 32.93
CA PHE D 29 -0.76 19.48 32.48
C PHE D 29 -0.72 19.04 31.00
N VAL D 30 -0.15 19.89 30.16
CA VAL D 30 -0.05 19.60 28.73
C VAL D 30 0.83 18.37 28.51
N THR D 31 2.01 18.34 29.12
CA THR D 31 2.94 17.28 28.84
C THR D 31 2.42 15.96 29.40
N GLU D 32 1.82 16.00 30.59
CA GLU D 32 1.22 14.79 31.18
C GLU D 32 0.17 14.16 30.26
N ASN D 33 -0.68 14.99 29.70
CA ASN D 33 -1.78 14.51 28.89
C ASN D 33 -1.40 14.18 27.46
N LEU D 34 -0.46 14.91 26.89
CA LEU D 34 0.16 14.51 25.63
C LEU D 34 0.83 13.15 25.78
N ASP D 35 1.53 12.94 26.89
CA ASP D 35 2.15 11.63 27.12
C ASP D 35 1.13 10.50 27.13
N GLN D 36 0.00 10.70 27.80
CA GLN D 36 -1.03 9.67 27.87
C GLN D 36 -1.64 9.36 26.47
N LEU D 37 -1.81 10.42 25.70
CA LEU D 37 -2.39 10.26 24.36
C LEU D 37 -1.44 9.46 23.50
N GLU D 38 -0.14 9.82 23.56
CA GLU D 38 0.90 9.12 22.81
C GLU D 38 1.03 7.67 23.20
N SER D 39 0.94 7.38 24.51
CA SER D 39 1.03 6.00 24.96
C SER D 39 -0.12 5.16 24.45
N ARG D 40 -1.31 5.73 24.48
CA ARG D 40 -2.48 5.02 24.03
C ARG D 40 -2.44 4.79 22.52
N ALA D 41 -1.95 5.77 21.78
CA ALA D 41 -1.88 5.69 20.33
C ALA D 41 -0.85 4.65 19.93
N GLN D 42 0.29 4.65 20.60
CA GLN D 42 1.32 3.69 20.25
C GLN D 42 0.84 2.32 20.62
N LYS D 43 0.12 2.20 21.73
CA LYS D 43 -0.41 0.89 22.14
C LYS D 43 -1.41 0.35 21.12
N LEU D 44 -2.22 1.24 20.56
CA LEU D 44 -3.24 0.85 19.60
C LEU D 44 -2.62 0.33 18.33
N VAL D 45 -1.58 0.99 17.83
CA VAL D 45 -0.92 0.53 16.63
C VAL D 45 -0.11 -0.77 16.86
N GLN D 46 0.51 -0.93 18.03
CA GLN D 46 1.22 -2.17 18.30
C GLN D 46 0.34 -3.39 18.47
N SER D 47 -0.88 -3.17 18.95
CA SER D 47 -1.82 -4.26 19.18
C SER D 47 -2.60 -4.61 17.91
N GLY D 48 -2.32 -3.91 16.82
CA GLY D 48 -2.89 -4.30 15.54
C GLY D 48 -4.27 -3.76 15.25
N GLN D 49 -4.76 -2.87 16.12
CA GLN D 49 -6.13 -2.39 16.07
C GLN D 49 -6.29 -1.23 15.11
N TRP D 50 -5.18 -0.85 14.50
CA TRP D 50 -5.15 0.39 13.79
C TRP D 50 -3.90 0.43 12.90
N ALA D 51 -4.07 0.76 11.61
CA ALA D 51 -2.95 1.07 10.74
C ALA D 51 -3.47 1.81 9.50
N GLY D 52 -2.55 2.21 8.63
CA GLY D 52 -2.85 2.95 7.42
C GLY D 52 -3.01 4.45 7.57
N ALA D 53 -3.86 5.02 6.72
CA ALA D 53 -3.96 6.48 6.61
C ALA D 53 -4.22 7.23 7.91
N ALA D 54 -5.11 6.73 8.74
CA ALA D 54 -5.45 7.40 10.00
C ALA D 54 -4.22 7.46 10.92
N ALA D 55 -3.49 6.35 11.00
CA ALA D 55 -2.31 6.29 11.84
C ALA D 55 -1.21 7.19 11.28
N ALA D 56 -1.16 7.32 9.95
CA ALA D 56 -0.18 8.20 9.32
C ALA D 56 -0.52 9.67 9.62
N ALA D 57 -1.82 9.99 9.60
CA ALA D 57 -2.28 11.33 10.01
C ALA D 57 -1.93 11.62 11.46
N TYR D 58 -2.19 10.67 12.33
CA TYR D 58 -1.78 10.80 13.72
C TYR D 58 -0.30 11.06 13.85
N SER D 59 0.51 10.35 13.09
CA SER D 59 1.95 10.50 13.21
C SER D 59 2.39 11.90 12.77
N GLN D 60 1.79 12.42 11.72
CA GLN D 60 2.12 13.78 11.30
C GLN D 60 1.76 14.80 12.39
N ALA D 61 0.59 14.66 12.99
CA ALA D 61 0.13 15.55 14.05
C ALA D 61 1.05 15.46 15.27
N HIS D 62 1.44 14.24 15.61
CA HIS D 62 2.35 13.94 16.74
C HIS D 62 3.66 14.68 16.55
N LYS D 63 4.24 14.58 15.36
CA LYS D 63 5.46 15.30 15.09
C LYS D 63 5.31 16.80 15.28
N GLU D 64 4.21 17.34 14.78
CA GLU D 64 3.92 18.76 14.94
C GLU D 64 3.88 19.15 16.41
N TRP D 65 3.18 18.38 17.24
CA TRP D 65 3.05 18.83 18.61
C TRP D 65 4.27 18.54 19.44
N MET D 66 5.09 17.58 19.02
CA MET D 66 6.37 17.35 19.66
C MET D 66 7.30 18.54 19.47
N ASP D 67 7.41 19.02 18.25
CA ASP D 67 8.14 20.26 17.99
C ASP D 67 7.57 21.46 18.78
N ALA D 68 6.25 21.63 18.73
CA ALA D 68 5.60 22.75 19.43
C ALA D 68 5.77 22.68 20.94
N ALA D 69 5.79 21.47 21.51
CA ALA D 69 5.94 21.31 22.95
C ALA D 69 7.34 21.73 23.40
N ARG D 70 8.35 21.51 22.54
CA ARG D 70 9.69 22.02 22.79
C ARG D 70 9.69 23.53 22.92
N GLU D 71 8.94 24.19 22.05
CA GLU D 71 8.87 25.65 22.08
C GLU D 71 8.14 26.09 23.35
N LEU D 72 7.12 25.34 23.72
CA LEU D 72 6.41 25.57 24.97
C LEU D 72 7.34 25.56 26.18
N VAL D 73 8.14 24.51 26.34
CA VAL D 73 9.05 24.43 27.49
C VAL D 73 10.18 25.47 27.42
N GLU D 74 10.65 25.80 26.22
CA GLU D 74 11.69 26.84 26.08
C GLU D 74 11.14 28.16 26.59
N GLY D 75 9.91 28.46 26.18
CA GLY D 75 9.27 29.70 26.56
C GLY D 75 9.20 29.80 28.05
N LEU D 76 8.70 28.72 28.65
CA LEU D 76 8.52 28.66 30.09
C LEU D 76 9.85 28.88 30.77
N SER D 77 10.91 28.23 30.27
CA SER D 77 12.20 28.32 30.94
C SER D 77 12.67 29.79 30.90
N GLN D 78 12.40 30.51 29.83
CA GLN D 78 12.80 31.91 29.75
C GLN D 78 11.99 32.81 30.70
N MET D 79 10.71 32.47 30.89
CA MET D 79 9.89 33.15 31.89
C MET D 79 10.46 32.94 33.27
N GLU D 80 10.84 31.69 33.57
CA GLU D 80 11.35 31.36 34.90
C GLU D 80 12.66 32.08 35.20
N GLU D 81 13.57 32.09 34.24
CA GLU D 81 14.80 32.84 34.40
C GLU D 81 14.53 34.33 34.55
N ALA D 82 13.59 34.87 33.79
CA ALA D 82 13.27 36.31 33.86
C ALA D 82 12.75 36.72 35.24
N ALA D 83 11.85 35.92 35.79
CA ALA D 83 11.31 36.18 37.13
C ALA D 83 12.45 36.14 38.16
N ARG D 84 13.30 35.15 38.03
CA ARG D 84 14.43 35.03 38.92
C ARG D 84 15.39 36.26 38.84
N THR D 85 15.57 36.77 37.63
CA THR D 85 16.43 37.92 37.40
C THR D 85 15.92 39.15 38.15
N ALA D 86 14.60 39.25 38.28
CA ALA D 86 13.96 40.41 38.91
C ALA D 86 14.22 40.50 40.42
N HIS D 87 14.77 39.42 41.00
CA HIS D 87 15.08 39.43 42.41
C HIS D 87 16.39 38.71 42.74
N GLY D 88 17.39 38.91 41.88
CA GLY D 88 18.76 38.55 42.22
C GLY D 88 18.96 37.07 42.35
N ALA D 89 18.06 36.29 41.75
CA ALA D 89 18.02 34.84 41.95
C ALA D 89 18.40 34.06 40.71
N TYR D 90 18.98 34.75 39.73
CA TYR D 90 19.25 34.10 38.46
C TYR D 90 20.75 33.79 38.27
N SER D 91 21.03 32.50 38.13
CA SER D 91 22.35 32.00 37.83
C SER D 91 22.37 31.50 36.38
N GLU E 4 -39.56 -3.87 -3.77
CA GLU E 4 -38.10 -3.75 -3.79
C GLU E 4 -37.43 -5.02 -4.37
N VAL E 5 -37.49 -6.10 -3.61
CA VAL E 5 -36.94 -7.37 -4.07
C VAL E 5 -37.77 -7.84 -5.26
N GLY E 6 -39.07 -7.54 -5.20
CA GLY E 6 -39.99 -7.94 -6.24
C GLY E 6 -39.60 -7.28 -7.54
N ALA E 7 -39.25 -6.01 -7.46
CA ALA E 7 -38.83 -5.24 -8.62
C ALA E 7 -37.55 -5.81 -9.19
N LEU E 8 -36.64 -6.24 -8.32
CA LEU E 8 -35.39 -6.83 -8.80
C LEU E 8 -35.68 -8.10 -9.64
N SER E 9 -36.63 -8.91 -9.17
CA SER E 9 -37.00 -10.12 -9.87
C SER E 9 -37.58 -9.84 -11.26
N LYS E 10 -38.50 -8.87 -11.32
CA LYS E 10 -39.10 -8.51 -12.60
C LYS E 10 -38.05 -7.93 -13.56
N PHE E 11 -37.11 -7.14 -13.02
CA PHE E 11 -36.04 -6.60 -13.85
C PHE E 11 -35.20 -7.73 -14.43
N ALA E 12 -34.78 -8.68 -13.60
CA ALA E 12 -34.00 -9.82 -14.09
C ALA E 12 -34.77 -10.64 -15.14
N ALA E 13 -36.04 -10.93 -14.90
CA ALA E 13 -36.84 -11.70 -15.84
C ALA E 13 -36.98 -11.00 -17.18
N SER E 14 -37.24 -9.70 -17.15
CA SER E 14 -37.37 -8.94 -18.40
C SER E 14 -36.06 -8.92 -19.18
N LEU E 15 -34.96 -8.66 -18.50
CA LEU E 15 -33.66 -8.71 -19.18
C LEU E 15 -33.45 -10.11 -19.82
N ALA E 16 -33.73 -11.18 -19.08
CA ALA E 16 -33.63 -12.55 -19.62
C ALA E 16 -34.38 -12.66 -20.93
N ASP E 17 -35.59 -12.16 -20.97
CA ASP E 17 -36.42 -12.33 -22.15
C ASP E 17 -35.87 -11.53 -23.33
N GLN E 18 -35.34 -10.35 -23.04
CA GLN E 18 -34.78 -9.51 -24.10
C GLN E 18 -33.49 -10.06 -24.66
N MET E 19 -32.66 -10.65 -23.81
CA MET E 19 -31.39 -11.22 -24.23
C MET E 19 -31.63 -12.48 -25.08
N ARG E 20 -32.61 -13.28 -24.69
CA ARG E 20 -32.99 -14.44 -25.45
C ARG E 20 -33.40 -14.07 -26.87
N ALA E 21 -34.15 -12.97 -27.01
CA ALA E 21 -34.59 -12.50 -28.34
C ALA E 21 -33.40 -11.99 -29.14
N GLY E 22 -32.58 -11.16 -28.53
CA GLY E 22 -31.39 -10.68 -29.18
C GLY E 22 -30.46 -11.78 -29.63
N SER E 23 -30.26 -12.76 -28.77
CA SER E 23 -29.36 -13.84 -29.09
C SER E 23 -29.90 -14.68 -30.26
N ASN E 24 -31.18 -15.02 -30.24
CA ASN E 24 -31.77 -15.73 -31.34
C ASN E 24 -31.71 -14.94 -32.65
N SER E 25 -31.97 -13.64 -32.59
CA SER E 25 -31.94 -12.82 -33.80
C SER E 25 -30.50 -12.77 -34.32
N LEU E 26 -29.54 -12.57 -33.43
CA LEU E 26 -28.15 -12.56 -33.81
C LEU E 26 -27.73 -13.89 -34.41
N ASP E 27 -28.23 -14.98 -33.86
CA ASP E 27 -27.87 -16.30 -34.39
C ASP E 27 -28.38 -16.43 -35.81
N ARG E 28 -29.58 -15.95 -36.09
CA ARG E 28 -30.04 -15.96 -37.47
C ARG E 28 -29.13 -15.12 -38.39
N ASP E 29 -28.63 -14.00 -37.89
CA ASP E 29 -27.81 -13.14 -38.74
C ASP E 29 -26.42 -13.77 -38.97
N VAL E 30 -25.85 -14.34 -37.91
CA VAL E 30 -24.57 -14.98 -38.04
C VAL E 30 -24.65 -16.15 -39.00
N GLN E 31 -25.66 -16.99 -38.86
CA GLN E 31 -25.79 -18.16 -39.72
C GLN E 31 -25.93 -17.76 -41.20
N SER E 32 -26.65 -16.67 -41.47
CA SER E 32 -26.83 -16.19 -42.84
C SER E 32 -25.52 -15.69 -43.43
N LEU E 33 -24.60 -15.24 -42.60
CA LEU E 33 -23.30 -14.82 -43.09
C LEU E 33 -22.56 -15.97 -43.78
N PHE E 34 -22.68 -17.16 -43.21
CA PHE E 34 -21.81 -18.24 -43.66
C PHE E 34 -22.11 -18.73 -45.05
N GLY E 35 -23.26 -18.31 -45.59
CA GLY E 35 -23.57 -18.66 -46.95
C GLY E 35 -22.56 -18.05 -47.91
N VAL E 36 -22.05 -16.88 -47.55
CA VAL E 36 -21.17 -16.13 -48.42
C VAL E 36 -19.74 -16.03 -47.92
N TRP E 37 -19.56 -16.17 -46.62
CA TRP E 37 -18.30 -15.91 -46.00
C TRP E 37 -17.61 -17.24 -45.70
N LYS E 38 -16.52 -17.49 -46.42
CA LYS E 38 -15.78 -18.74 -46.32
C LYS E 38 -14.36 -18.51 -45.85
N GLY E 39 -13.72 -19.58 -45.40
CA GLY E 39 -12.32 -19.54 -45.02
C GLY E 39 -12.07 -19.44 -43.51
N SER E 40 -10.81 -19.33 -43.15
CA SER E 40 -10.40 -19.49 -41.77
C SER E 40 -10.94 -18.40 -40.86
N ALA E 41 -11.13 -17.19 -41.37
CA ALA E 41 -11.73 -16.13 -40.55
C ALA E 41 -13.20 -16.45 -40.27
N ALA E 42 -13.91 -16.90 -41.30
CA ALA E 42 -15.29 -17.30 -41.14
C ALA E 42 -15.41 -18.39 -40.11
N ASP E 43 -14.49 -19.35 -40.14
CA ASP E 43 -14.49 -20.46 -39.19
C ASP E 43 -14.24 -19.97 -37.75
N ALA E 44 -13.34 -19.00 -37.62
CA ALA E 44 -13.01 -18.43 -36.31
C ALA E 44 -14.22 -17.64 -35.73
N TYR E 45 -14.92 -16.92 -36.60
CA TYR E 45 -16.13 -16.23 -36.23
C TYR E 45 -17.24 -17.18 -35.77
N ARG E 46 -17.40 -18.29 -36.48
CA ARG E 46 -18.34 -19.32 -36.07
C ARG E 46 -18.06 -19.83 -34.64
N SER E 47 -16.79 -20.12 -34.39
CA SER E 47 -16.32 -20.58 -33.10
C SER E 47 -16.55 -19.50 -32.05
N GLY E 48 -16.30 -18.24 -32.43
CA GLY E 48 -16.50 -17.13 -31.51
C GLY E 48 -17.99 -16.93 -31.17
N TRP E 49 -18.84 -17.01 -32.18
CA TRP E 49 -20.26 -16.86 -31.93
C TRP E 49 -20.77 -18.03 -31.07
N ASP E 50 -20.30 -19.23 -31.33
CA ASP E 50 -20.73 -20.36 -30.52
C ASP E 50 -20.44 -20.13 -29.05
N GLU E 51 -19.27 -19.58 -28.77
CA GLU E 51 -18.90 -19.25 -27.39
C GLU E 51 -19.74 -18.09 -26.86
N MET E 52 -19.95 -17.09 -27.68
CA MET E 52 -20.72 -15.92 -27.26
C MET E 52 -22.15 -16.30 -26.91
N GLN E 53 -22.77 -17.10 -27.77
CA GLN E 53 -24.12 -17.57 -27.54
C GLN E 53 -24.21 -18.46 -26.29
N ASP E 54 -23.20 -19.32 -26.07
CA ASP E 54 -23.18 -20.18 -24.90
C ASP E 54 -23.13 -19.29 -23.65
N GLY E 55 -22.27 -18.27 -23.67
CA GLY E 55 -22.23 -17.29 -22.60
C GLY E 55 -23.57 -16.60 -22.38
N ALA E 56 -24.16 -16.09 -23.46
CA ALA E 56 -25.42 -15.40 -23.36
C ALA E 56 -26.52 -16.30 -22.79
N THR E 57 -26.52 -17.56 -23.20
CA THR E 57 -27.46 -18.54 -22.67
C THR E 57 -27.29 -18.71 -21.16
N LYS E 58 -26.06 -18.79 -20.69
CA LYS E 58 -25.83 -19.00 -19.26
C LYS E 58 -26.16 -17.77 -18.44
N VAL E 59 -25.99 -16.57 -19.01
CA VAL E 59 -26.42 -15.33 -18.35
C VAL E 59 -27.94 -15.36 -18.19
N TRP E 60 -28.69 -15.67 -19.24
CA TRP E 60 -30.13 -15.58 -19.07
C TRP E 60 -30.71 -16.71 -18.22
N ASN E 61 -30.03 -17.85 -18.12
CA ASN E 61 -30.40 -18.91 -17.22
C ASN E 61 -30.21 -18.48 -15.76
N ALA E 62 -29.09 -17.82 -15.48
CA ALA E 62 -28.82 -17.30 -14.14
C ALA E 62 -29.82 -16.18 -13.79
N LEU E 63 -30.16 -15.34 -14.75
CA LEU E 63 -31.18 -14.30 -14.56
C LEU E 63 -32.54 -14.91 -14.27
N THR E 64 -32.89 -15.90 -15.07
CA THR E 64 -34.17 -16.54 -14.91
C THR E 64 -34.21 -17.18 -13.53
N ASP E 65 -33.09 -17.78 -13.14
CA ASP E 65 -33.02 -18.50 -11.85
C ASP E 65 -33.21 -17.56 -10.67
N ILE E 66 -32.55 -16.41 -10.69
CA ILE E 66 -32.71 -15.48 -9.59
C ILE E 66 -34.10 -14.78 -9.61
N ALA E 67 -34.66 -14.59 -10.79
CA ALA E 67 -35.98 -13.96 -10.87
C ALA E 67 -36.99 -14.86 -10.19
N SER E 68 -36.82 -16.16 -10.40
CA SER E 68 -37.71 -17.15 -9.81
C SER E 68 -37.52 -17.23 -8.29
N THR E 69 -36.28 -17.29 -7.86
CA THR E 69 -35.95 -17.39 -6.45
C THR E 69 -36.49 -16.22 -5.67
N LEU E 70 -36.33 -15.01 -6.17
CA LEU E 70 -36.77 -13.83 -5.44
C LEU E 70 -38.26 -13.55 -5.59
N SER F 7 -17.42 -6.49 -55.98
CA SER F 7 -17.26 -7.68 -55.14
C SER F 7 -17.88 -8.92 -55.79
N GLU F 8 -17.45 -10.10 -55.34
CA GLU F 8 -18.06 -11.35 -55.80
C GLU F 8 -19.37 -11.57 -55.06
N PHE F 9 -19.34 -11.53 -53.73
CA PHE F 9 -20.55 -11.56 -52.93
C PHE F 9 -20.90 -10.12 -52.47
N SER F 10 -21.91 -9.53 -53.08
CA SER F 10 -22.37 -8.18 -52.78
C SER F 10 -22.44 -7.85 -51.29
N PHE F 11 -21.75 -6.78 -50.90
CA PHE F 11 -21.80 -6.27 -49.54
C PHE F 11 -21.44 -7.32 -48.52
N ASP F 12 -20.65 -8.32 -48.90
CA ASP F 12 -20.24 -9.32 -47.91
C ASP F 12 -19.47 -8.66 -46.73
N LEU F 13 -18.53 -7.77 -47.04
CA LEU F 13 -17.79 -7.08 -45.97
C LEU F 13 -18.71 -6.18 -45.13
N ASP F 14 -19.64 -5.48 -45.76
CA ASP F 14 -20.60 -4.67 -45.00
C ASP F 14 -21.42 -5.55 -44.05
N HIS F 15 -21.85 -6.72 -44.52
CA HIS F 15 -22.67 -7.58 -43.70
C HIS F 15 -21.88 -8.15 -42.53
N ILE F 16 -20.62 -8.50 -42.75
CA ILE F 16 -19.78 -8.95 -41.65
C ILE F 16 -19.64 -7.84 -40.62
N GLU F 17 -19.40 -6.62 -41.09
CA GLU F 17 -19.30 -5.49 -40.19
C GLU F 17 -20.59 -5.14 -39.45
N GLN F 18 -21.72 -5.19 -40.13
CA GLN F 18 -22.99 -4.91 -39.45
C GLN F 18 -23.36 -5.98 -38.42
N VAL F 19 -23.16 -7.26 -38.75
CA VAL F 19 -23.43 -8.33 -37.78
C VAL F 19 -22.52 -8.24 -36.56
N THR F 20 -21.25 -7.91 -36.80
CA THR F 20 -20.31 -7.76 -35.71
C THR F 20 -20.65 -6.56 -34.83
N SER F 21 -21.16 -5.52 -35.46
CA SER F 21 -21.59 -4.34 -34.75
C SER F 21 -22.85 -4.63 -33.91
N ARG F 22 -23.76 -5.40 -34.44
CA ARG F 22 -24.91 -5.85 -33.70
C ARG F 22 -24.48 -6.68 -32.47
N ALA F 23 -23.52 -7.60 -32.67
CA ALA F 23 -23.00 -8.40 -31.57
C ALA F 23 -22.36 -7.53 -30.44
N ARG F 24 -21.58 -6.52 -30.82
CA ARG F 24 -21.07 -5.54 -29.83
C ARG F 24 -22.19 -4.77 -29.13
N GLY F 25 -23.19 -4.35 -29.88
CA GLY F 25 -24.36 -3.71 -29.31
C GLY F 25 -25.06 -4.62 -28.31
N PHE F 26 -25.09 -5.92 -28.61
CA PHE F 26 -25.72 -6.91 -27.75
C PHE F 26 -24.97 -6.92 -26.44
N LYS F 27 -23.66 -7.06 -26.53
CA LYS F 27 -22.84 -7.09 -25.35
C LYS F 27 -23.02 -5.80 -24.51
N GLU F 28 -23.02 -4.64 -25.14
CA GLU F 28 -23.17 -3.39 -24.41
C GLU F 28 -24.56 -3.29 -23.74
N PHE F 29 -25.59 -3.77 -24.43
CA PHE F 29 -26.93 -3.82 -23.87
C PHE F 29 -26.94 -4.76 -22.64
N VAL F 30 -26.25 -5.89 -22.73
CA VAL F 30 -26.27 -6.83 -21.62
C VAL F 30 -25.54 -6.20 -20.43
N THR F 31 -24.34 -5.66 -20.64
CA THR F 31 -23.56 -5.14 -19.53
C THR F 31 -24.20 -3.89 -18.91
N GLU F 32 -24.77 -3.03 -19.72
CA GLU F 32 -25.48 -1.87 -19.20
C GLU F 32 -26.63 -2.30 -18.28
N ASN F 33 -27.38 -3.32 -18.65
CA ASN F 33 -28.52 -3.72 -17.85
C ASN F 33 -28.14 -4.61 -16.65
N LEU F 34 -27.08 -5.39 -16.78
CA LEU F 34 -26.53 -6.09 -15.60
C LEU F 34 -26.05 -5.09 -14.58
N ASP F 35 -25.45 -3.99 -15.04
CA ASP F 35 -24.98 -2.93 -14.15
C ASP F 35 -26.12 -2.27 -13.37
N GLN F 36 -27.21 -1.97 -14.06
CA GLN F 36 -28.41 -1.38 -13.50
C GLN F 36 -28.98 -2.36 -12.46
N LEU F 37 -29.07 -3.64 -12.82
CA LEU F 37 -29.49 -4.66 -11.86
C LEU F 37 -28.60 -4.66 -10.60
N GLU F 38 -27.29 -4.62 -10.79
CA GLU F 38 -26.38 -4.57 -9.64
C GLU F 38 -26.62 -3.30 -8.81
N SER F 39 -26.87 -2.16 -9.44
CA SER F 39 -27.12 -0.93 -8.67
C SER F 39 -28.37 -1.10 -7.80
N ARG F 40 -29.41 -1.68 -8.38
CA ARG F 40 -30.65 -1.92 -7.66
C ARG F 40 -30.40 -2.89 -6.50
N ALA F 41 -29.58 -3.91 -6.71
CA ALA F 41 -29.16 -4.82 -5.63
C ALA F 41 -28.42 -4.05 -4.53
N GLN F 42 -27.47 -3.22 -4.93
CA GLN F 42 -26.67 -2.47 -3.96
C GLN F 42 -27.51 -1.57 -3.04
N LYS F 43 -28.50 -0.87 -3.59
CA LYS F 43 -29.32 -0.01 -2.74
C LYS F 43 -29.88 -0.85 -1.61
N LEU F 44 -30.27 -2.07 -1.95
CA LEU F 44 -30.91 -2.98 -1.01
C LEU F 44 -29.92 -3.36 0.08
N VAL F 45 -28.68 -3.64 -0.30
CA VAL F 45 -27.65 -3.86 0.71
C VAL F 45 -27.26 -2.53 1.32
N ALA F 51 -30.05 -8.66 3.56
CA ALA F 51 -31.11 -9.51 4.09
C ALA F 51 -30.83 -10.99 3.77
N GLY F 52 -29.87 -11.54 4.52
CA GLY F 52 -29.59 -12.98 4.59
C GLY F 52 -29.66 -13.84 3.34
N ALA F 53 -30.67 -14.69 3.28
CA ALA F 53 -30.69 -15.80 2.34
C ALA F 53 -31.04 -15.34 0.93
N ALA F 54 -31.87 -14.32 0.85
CA ALA F 54 -32.20 -13.74 -0.45
C ALA F 54 -30.99 -13.03 -1.03
N ALA F 55 -30.28 -12.25 -0.22
CA ALA F 55 -29.13 -11.50 -0.70
C ALA F 55 -28.03 -12.47 -1.13
N ALA F 56 -27.89 -13.56 -0.37
CA ALA F 56 -26.91 -14.59 -0.68
C ALA F 56 -27.29 -15.30 -1.97
N ALA F 57 -28.58 -15.49 -2.20
CA ALA F 57 -29.02 -16.10 -3.43
C ALA F 57 -28.65 -15.19 -4.61
N TYR F 58 -28.79 -13.90 -4.43
CA TYR F 58 -28.44 -12.93 -5.47
C TYR F 58 -26.94 -12.96 -5.75
N SER F 59 -26.14 -13.00 -4.69
CA SER F 59 -24.70 -13.07 -4.89
C SER F 59 -24.31 -14.30 -5.67
N GLN F 60 -24.98 -15.42 -5.40
CA GLN F 60 -24.64 -16.65 -6.09
C GLN F 60 -25.00 -16.54 -7.58
N ALA F 61 -26.12 -15.90 -7.87
CA ALA F 61 -26.59 -15.76 -9.25
C ALA F 61 -25.65 -14.82 -10.00
N HIS F 62 -25.22 -13.79 -9.30
CA HIS F 62 -24.30 -12.79 -9.85
C HIS F 62 -23.00 -13.48 -10.29
N LYS F 63 -22.47 -14.34 -9.43
CA LYS F 63 -21.24 -15.06 -9.79
C LYS F 63 -21.45 -15.90 -11.07
N GLU F 64 -22.59 -16.60 -11.15
CA GLU F 64 -22.90 -17.40 -12.35
C GLU F 64 -22.97 -16.50 -13.59
N TRP F 65 -23.65 -15.36 -13.50
CA TRP F 65 -23.69 -14.52 -14.70
C TRP F 65 -22.41 -13.74 -14.93
N MET F 66 -21.62 -13.47 -13.91
CA MET F 66 -20.28 -12.94 -14.15
C MET F 66 -19.42 -13.93 -14.96
N ASP F 67 -19.38 -15.19 -14.54
CA ASP F 67 -18.66 -16.25 -15.26
C ASP F 67 -19.15 -16.35 -16.74
N ALA F 68 -20.47 -16.33 -16.89
CA ALA F 68 -21.15 -16.38 -18.20
C ALA F 68 -20.81 -15.17 -19.04
N ALA F 69 -20.72 -14.00 -18.40
CA ALA F 69 -20.37 -12.77 -19.09
C ALA F 69 -18.94 -12.77 -19.60
N ARG F 70 -18.04 -13.45 -18.91
CA ARG F 70 -16.67 -13.60 -19.38
C ARG F 70 -16.63 -14.47 -20.64
N GLU F 71 -17.48 -15.49 -20.69
CA GLU F 71 -17.53 -16.32 -21.87
C GLU F 71 -18.11 -15.52 -23.01
N LEU F 72 -19.09 -14.69 -22.69
CA LEU F 72 -19.79 -13.94 -23.71
C LEU F 72 -18.80 -13.01 -24.38
N VAL F 73 -18.05 -12.30 -23.56
CA VAL F 73 -17.08 -11.34 -24.04
C VAL F 73 -15.89 -11.98 -24.77
N GLU F 74 -15.40 -13.12 -24.28
CA GLU F 74 -14.37 -13.84 -24.98
C GLU F 74 -14.83 -14.24 -26.38
N GLY F 75 -16.08 -14.63 -26.49
CA GLY F 75 -16.66 -15.01 -27.77
C GLY F 75 -16.74 -13.85 -28.74
N LEU F 76 -17.23 -12.73 -28.23
CA LEU F 76 -17.29 -11.48 -28.99
C LEU F 76 -15.90 -11.13 -29.48
N SER F 77 -14.92 -11.21 -28.59
CA SER F 77 -13.53 -10.92 -28.97
C SER F 77 -13.08 -11.69 -30.16
N GLN F 78 -13.30 -12.99 -30.12
CA GLN F 78 -12.94 -13.84 -31.23
C GLN F 78 -13.68 -13.41 -32.50
N MET F 79 -14.95 -13.03 -32.38
CA MET F 79 -15.68 -12.57 -33.55
C MET F 79 -15.08 -11.30 -34.11
N GLU F 80 -14.73 -10.36 -33.24
CA GLU F 80 -14.17 -9.11 -33.67
C GLU F 80 -12.82 -9.34 -34.35
N GLU F 81 -12.02 -10.28 -33.81
CA GLU F 81 -10.72 -10.58 -34.39
C GLU F 81 -10.87 -11.19 -35.77
N ALA F 82 -11.88 -12.05 -35.91
CA ALA F 82 -12.12 -12.77 -37.15
C ALA F 82 -12.60 -11.79 -38.20
N ALA F 83 -13.50 -10.90 -37.81
CA ALA F 83 -14.01 -9.90 -38.74
C ALA F 83 -12.87 -8.97 -39.19
N ARG F 84 -12.01 -8.58 -38.25
CA ARG F 84 -10.80 -7.81 -38.58
C ARG F 84 -9.90 -8.55 -39.57
N THR F 85 -9.74 -9.85 -39.37
CA THR F 85 -8.88 -10.65 -40.23
C THR F 85 -9.38 -10.53 -41.67
N ALA F 86 -10.71 -10.47 -41.83
CA ALA F 86 -11.35 -10.41 -43.15
C ALA F 86 -11.07 -9.11 -43.89
N HIS F 87 -10.58 -8.08 -43.21
CA HIS F 87 -10.17 -6.86 -43.93
C HIS F 87 -8.80 -6.26 -43.54
N GLY F 88 -7.82 -7.13 -43.30
CA GLY F 88 -6.45 -6.68 -43.09
C GLY F 88 -6.25 -5.81 -41.85
N ALA F 89 -7.13 -5.95 -40.87
CA ALA F 89 -7.06 -5.16 -39.63
C ALA F 89 -6.69 -6.01 -38.40
N TYR F 90 -6.21 -7.21 -38.65
CA TYR F 90 -5.87 -8.14 -37.58
C TYR F 90 -4.38 -8.15 -37.20
N SER F 91 -4.13 -8.03 -35.90
CA SER F 91 -2.78 -8.06 -35.35
C SER F 91 -2.81 -8.95 -34.12
N GLU F 92 -1.83 -9.84 -34.02
CA GLU F 92 -1.62 -10.65 -32.83
C GLU F 92 -1.67 -9.84 -31.54
N ALA F 93 -1.15 -8.62 -31.57
CA ALA F 93 -1.15 -7.75 -30.38
C ALA F 93 -2.55 -7.61 -29.81
N GLN F 94 -3.57 -7.74 -30.66
CA GLN F 94 -4.96 -7.57 -30.21
C GLN F 94 -5.42 -8.67 -29.26
N GLU F 95 -4.86 -9.86 -29.44
CA GLU F 95 -5.20 -11.03 -28.62
C GLU F 95 -4.21 -11.20 -27.46
N ALA F 96 -3.34 -10.21 -27.30
CA ALA F 96 -2.34 -10.19 -26.23
C ALA F 96 -2.78 -9.29 -25.08
N ASP G 3 7.74 20.98 -1.39
CA ASP G 3 8.84 21.92 -1.14
C ASP G 3 10.11 21.16 -0.81
N GLU G 4 11.15 21.37 -1.61
CA GLU G 4 12.29 20.49 -1.52
C GLU G 4 12.99 20.67 -0.19
N VAL G 5 12.93 21.87 0.38
CA VAL G 5 13.55 22.07 1.69
C VAL G 5 12.79 21.30 2.78
N GLY G 6 11.47 21.38 2.74
CA GLY G 6 10.65 20.63 3.67
C GLY G 6 10.93 19.16 3.53
N ALA G 7 11.19 18.71 2.31
CA ALA G 7 11.55 17.31 2.08
C ALA G 7 12.91 16.92 2.72
N LEU G 8 13.86 17.83 2.75
CA LEU G 8 15.14 17.56 3.44
C LEU G 8 14.88 17.36 4.92
N SER G 9 14.03 18.24 5.47
CA SER G 9 13.66 18.18 6.89
C SER G 9 13.04 16.84 7.25
N LYS G 10 12.14 16.35 6.40
CA LYS G 10 11.49 15.05 6.70
C LYS G 10 12.43 13.86 6.59
N PHE G 11 13.36 13.94 5.65
CA PHE G 11 14.36 12.91 5.44
C PHE G 11 15.25 12.91 6.68
N ALA G 12 15.68 14.09 7.09
CA ALA G 12 16.53 14.22 8.27
C ALA G 12 15.85 13.60 9.49
N ALA G 13 14.60 13.98 9.75
CA ALA G 13 13.87 13.45 10.91
C ALA G 13 13.71 11.93 10.83
N SER G 14 13.40 11.43 9.64
CA SER G 14 13.20 10.00 9.47
C SER G 14 14.49 9.24 9.75
N LEU G 15 15.58 9.67 9.13
CA LEU G 15 16.86 8.99 9.35
C LEU G 15 17.22 9.05 10.84
N ALA G 16 16.91 10.16 11.52
CA ALA G 16 17.27 10.28 12.94
C ALA G 16 16.56 9.17 13.73
N ASP G 17 15.28 8.98 13.43
CA ASP G 17 14.45 8.00 14.15
C ASP G 17 14.96 6.58 13.91
N GLN G 18 15.36 6.31 12.69
CA GLN G 18 15.86 4.99 12.37
C GLN G 18 17.22 4.75 13.07
N MET G 19 18.07 5.76 13.10
CA MET G 19 19.40 5.63 13.69
C MET G 19 19.32 5.48 15.20
N ARG G 20 18.36 6.17 15.80
CA ARG G 20 18.18 6.06 17.23
C ARG G 20 17.78 4.62 17.59
N ALA G 21 16.83 4.06 16.86
CA ALA G 21 16.42 2.70 17.10
C ALA G 21 17.61 1.75 16.92
N GLY G 22 18.34 1.94 15.82
CA GLY G 22 19.42 1.03 15.50
C GLY G 22 20.59 1.09 16.47
N SER G 23 20.92 2.30 16.89
CA SER G 23 22.00 2.49 17.85
C SER G 23 21.70 1.77 19.15
N ASN G 24 20.48 1.94 19.66
CA ASN G 24 20.14 1.37 20.95
C ASN G 24 20.03 -0.12 20.91
N SER G 25 19.60 -0.64 19.77
CA SER G 25 19.45 -2.08 19.58
C SER G 25 20.82 -2.76 19.44
N LEU G 26 21.75 -2.06 18.82
CA LEU G 26 23.10 -2.59 18.66
C LEU G 26 23.83 -2.53 19.98
N ASP G 27 23.57 -1.47 20.74
CA ASP G 27 24.16 -1.33 22.05
C ASP G 27 23.78 -2.53 22.90
N ARG G 28 22.51 -2.90 22.86
CA ARG G 28 22.04 -4.09 23.59
C ARG G 28 22.80 -5.34 23.15
N ASP G 29 23.02 -5.50 21.84
CA ASP G 29 23.71 -6.68 21.33
C ASP G 29 25.17 -6.70 21.81
N VAL G 30 25.84 -5.58 21.65
CA VAL G 30 27.25 -5.50 22.00
C VAL G 30 27.49 -5.77 23.48
N GLN G 31 26.70 -5.18 24.35
CA GLN G 31 26.91 -5.38 25.76
C GLN G 31 26.80 -6.86 26.11
N SER G 32 25.97 -7.60 25.39
CA SER G 32 25.76 -9.02 25.73
C SER G 32 27.01 -9.88 25.50
N LEU G 33 27.98 -9.37 24.76
CA LEU G 33 29.13 -10.17 24.36
C LEU G 33 30.13 -10.42 25.48
N PHE G 34 30.05 -9.59 26.52
CA PHE G 34 31.14 -9.48 27.47
C PHE G 34 30.98 -10.33 28.72
N GLY G 35 29.91 -11.10 28.77
CA GLY G 35 29.78 -12.16 29.75
C GLY G 35 30.93 -13.17 29.63
N VAL G 36 31.24 -13.62 28.42
CA VAL G 36 32.28 -14.64 28.28
C VAL G 36 33.49 -14.12 27.55
N TRP G 37 33.36 -13.00 26.82
CA TRP G 37 34.50 -12.45 26.10
C TRP G 37 35.27 -11.46 26.98
N LYS G 38 36.54 -11.73 27.22
CA LYS G 38 37.35 -11.00 28.19
C LYS G 38 38.72 -10.73 27.59
N GLY G 39 39.42 -9.72 28.11
CA GLY G 39 40.76 -9.42 27.69
C GLY G 39 40.89 -8.17 26.83
N SER G 40 42.08 -8.00 26.23
CA SER G 40 42.40 -6.77 25.51
C SER G 40 41.58 -6.60 24.21
N ALA G 41 41.21 -7.69 23.55
CA ALA G 41 40.46 -7.57 22.31
C ALA G 41 39.00 -7.26 22.60
N ALA G 42 38.45 -7.84 23.67
CA ALA G 42 37.09 -7.47 24.12
C ALA G 42 37.02 -6.00 24.53
N ASP G 43 38.03 -5.53 25.26
CA ASP G 43 38.07 -4.13 25.71
C ASP G 43 38.14 -3.21 24.51
N ALA G 44 38.96 -3.58 23.53
CA ALA G 44 39.08 -2.78 22.30
C ALA G 44 37.77 -2.77 21.52
N TYR G 45 37.03 -3.87 21.57
CA TYR G 45 35.75 -3.92 20.89
C TYR G 45 34.77 -2.99 21.62
N ARG G 46 34.86 -3.01 22.95
CA ARG G 46 33.99 -2.19 23.77
C ARG G 46 34.23 -0.70 23.51
N SER G 47 35.49 -0.31 23.46
CA SER G 47 35.87 1.07 23.21
C SER G 47 35.52 1.50 21.81
N GLY G 48 35.64 0.58 20.84
CA GLY G 48 35.27 0.87 19.48
C GLY G 48 33.78 1.16 19.35
N TRP G 49 32.97 0.34 20.00
CA TRP G 49 31.52 0.56 20.02
C TRP G 49 31.11 1.84 20.74
N ASP G 50 31.77 2.16 21.86
CA ASP G 50 31.54 3.44 22.54
C ASP G 50 31.80 4.62 21.60
N GLU G 51 32.81 4.52 20.76
CA GLU G 51 33.10 5.54 19.76
C GLU G 51 32.03 5.59 18.65
N MET G 52 31.68 4.44 18.08
CA MET G 52 30.56 4.36 17.13
C MET G 52 29.28 4.94 17.70
N GLN G 53 29.03 4.67 18.98
CA GLN G 53 27.78 5.09 19.57
C GLN G 53 27.80 6.57 19.83
N ASP G 54 28.97 7.08 20.20
CA ASP G 54 29.14 8.52 20.37
C ASP G 54 28.94 9.25 19.02
N GLY G 55 29.56 8.71 17.96
CA GLY G 55 29.35 9.22 16.60
C GLY G 55 27.88 9.18 16.19
N ALA G 56 27.21 8.03 16.36
CA ALA G 56 25.79 7.93 16.07
C ALA G 56 24.94 8.99 16.79
N THR G 57 25.21 9.19 18.07
CA THR G 57 24.49 10.20 18.83
C THR G 57 24.70 11.58 18.24
N LYS G 58 25.92 11.88 17.83
CA LYS G 58 26.20 13.22 17.32
C LYS G 58 25.56 13.39 15.94
N VAL G 59 25.48 12.32 15.16
CA VAL G 59 24.80 12.40 13.89
C VAL G 59 23.34 12.69 14.19
N TRP G 60 22.77 11.90 15.08
CA TRP G 60 21.39 12.04 15.51
C TRP G 60 21.00 13.45 15.99
N ASN G 61 21.82 14.03 16.85
CA ASN G 61 21.66 15.42 17.30
C ASN G 61 21.60 16.37 16.12
N ALA G 62 22.53 16.21 15.20
CA ALA G 62 22.64 17.09 14.05
C ALA G 62 21.42 16.95 13.14
N LEU G 63 20.98 15.71 12.88
CA LEU G 63 19.83 15.47 11.99
C LEU G 63 18.56 16.03 12.60
N THR G 64 18.44 15.91 13.92
CA THR G 64 17.27 16.42 14.63
C THR G 64 17.25 17.92 14.61
N ASP G 65 18.43 18.52 14.77
CA ASP G 65 18.56 19.96 14.71
C ASP G 65 18.09 20.51 13.40
N ILE G 66 18.65 19.97 12.33
CA ILE G 66 18.33 20.46 11.00
C ILE G 66 16.87 20.15 10.66
N ALA G 67 16.36 18.99 11.08
CA ALA G 67 14.95 18.67 10.85
C ALA G 67 14.07 19.79 11.38
N SER G 68 14.34 20.21 12.60
CA SER G 68 13.53 21.25 13.24
C SER G 68 13.70 22.62 12.57
N THR G 69 14.94 23.00 12.26
CA THR G 69 15.20 24.28 11.61
C THR G 69 14.55 24.37 10.22
N LEU G 70 14.52 23.28 9.46
CA LEU G 70 14.00 23.30 8.09
C LEU G 70 12.50 23.00 7.98
N ASP H 12 32.57 -17.57 21.94
CA ASP H 12 31.28 -17.30 21.31
C ASP H 12 31.51 -16.47 20.04
N LEU H 13 32.44 -16.93 19.21
CA LEU H 13 32.86 -16.20 18.01
C LEU H 13 31.71 -15.99 17.02
N ASP H 14 30.77 -16.93 16.97
CA ASP H 14 29.59 -16.78 16.11
C ASP H 14 28.81 -15.51 16.46
N HIS H 15 28.65 -15.25 17.75
CA HIS H 15 27.85 -14.11 18.21
C HIS H 15 28.61 -12.79 17.95
N ILE H 16 29.92 -12.82 18.20
CA ILE H 16 30.75 -11.65 17.94
C ILE H 16 30.67 -11.26 16.46
N GLU H 17 30.76 -12.27 15.58
CA GLU H 17 30.72 -11.99 14.16
C GLU H 17 29.33 -11.52 13.71
N GLN H 18 28.28 -12.11 14.28
CA GLN H 18 26.92 -11.68 13.97
C GLN H 18 26.77 -10.22 14.33
N VAL H 19 27.19 -9.84 15.54
CA VAL H 19 27.02 -8.47 16.01
C VAL H 19 27.88 -7.53 15.22
N THR H 20 29.09 -7.96 14.86
CA THR H 20 29.96 -7.11 14.06
C THR H 20 29.31 -6.88 12.68
N SER H 21 28.70 -7.92 12.10
CA SER H 21 28.04 -7.73 10.82
C SER H 21 26.87 -6.75 10.95
N ARG H 22 26.16 -6.75 12.07
CA ARG H 22 25.08 -5.78 12.24
C ARG H 22 25.62 -4.36 12.33
N ALA H 23 26.78 -4.22 12.98
CA ALA H 23 27.43 -2.92 13.11
C ALA H 23 27.84 -2.39 11.75
N ARG H 24 28.42 -3.27 10.94
CA ARG H 24 28.77 -2.94 9.59
C ARG H 24 27.52 -2.51 8.79
N GLY H 25 26.44 -3.29 8.93
CA GLY H 25 25.15 -2.95 8.35
C GLY H 25 24.72 -1.53 8.73
N PHE H 26 24.79 -1.23 10.03
CA PHE H 26 24.44 0.06 10.63
C PHE H 26 25.24 1.20 9.98
N LYS H 27 26.54 0.99 9.89
CA LYS H 27 27.42 2.00 9.32
C LYS H 27 27.07 2.26 7.87
N GLU H 28 26.78 1.21 7.11
CA GLU H 28 26.45 1.38 5.70
C GLU H 28 25.10 2.10 5.50
N PHE H 29 24.12 1.77 6.34
CA PHE H 29 22.84 2.45 6.35
C PHE H 29 23.00 3.95 6.61
N VAL H 30 23.74 4.28 7.67
CA VAL H 30 23.92 5.66 8.05
C VAL H 30 24.62 6.40 6.91
N THR H 31 25.72 5.86 6.41
CA THR H 31 26.54 6.63 5.48
C THR H 31 25.86 6.75 4.15
N GLU H 32 25.16 5.69 3.73
CA GLU H 32 24.44 5.73 2.47
C GLU H 32 23.31 6.77 2.51
N ASN H 33 22.59 6.86 3.63
CA ASN H 33 21.56 7.89 3.77
C ASN H 33 22.05 9.32 4.00
N LEU H 34 23.07 9.53 4.82
CA LEU H 34 23.74 10.82 4.88
C LEU H 34 24.21 11.26 3.50
N ASP H 35 24.80 10.36 2.71
CA ASP H 35 25.23 10.71 1.35
C ASP H 35 24.06 11.19 0.49
N GLN H 36 22.91 10.55 0.67
CA GLN H 36 21.70 10.88 -0.08
C GLN H 36 21.19 12.24 0.35
N LEU H 37 21.20 12.48 1.65
CA LEU H 37 20.75 13.73 2.19
C LEU H 37 21.67 14.86 1.70
N GLU H 38 22.98 14.63 1.76
CA GLU H 38 23.94 15.68 1.34
C GLU H 38 23.86 16.02 -0.14
N SER H 39 23.58 15.00 -0.94
CA SER H 39 23.47 15.11 -2.40
C SER H 39 22.23 15.88 -2.82
N ARG H 40 21.10 15.61 -2.16
CA ARG H 40 19.91 16.43 -2.34
C ARG H 40 20.15 17.88 -1.93
N ALA H 41 20.78 18.08 -0.78
CA ALA H 41 21.06 19.43 -0.32
C ALA H 41 22.00 20.22 -1.26
N GLN H 42 23.02 19.55 -1.75
CA GLN H 42 23.97 20.21 -2.62
C GLN H 42 23.36 20.54 -4.01
N LYS H 43 22.53 19.64 -4.54
CA LYS H 43 21.86 19.90 -5.80
C LYS H 43 20.91 21.10 -5.63
N LEU H 44 20.39 21.26 -4.42
CA LEU H 44 19.44 22.31 -4.18
C LEU H 44 20.16 23.64 -4.19
N VAL H 45 21.35 23.71 -3.59
CA VAL H 45 22.15 24.91 -3.66
C VAL H 45 22.69 25.12 -5.07
N GLN H 46 23.17 24.07 -5.72
CA GLN H 46 23.76 24.22 -7.05
C GLN H 46 22.73 24.64 -8.11
N SER H 47 21.46 24.37 -7.82
CA SER H 47 20.39 24.67 -8.74
C SER H 47 20.03 26.15 -8.65
N GLY H 48 20.53 26.82 -7.62
CA GLY H 48 20.29 28.25 -7.47
C GLY H 48 19.01 28.57 -6.73
N GLN H 49 18.32 27.57 -6.19
CA GLN H 49 17.05 27.91 -5.54
C GLN H 49 17.08 27.74 -4.05
N TRP H 50 18.28 27.83 -3.48
CA TRP H 50 18.43 27.81 -2.03
C TRP H 50 19.68 28.55 -1.61
N ALA H 51 19.50 29.62 -0.85
CA ALA H 51 20.58 30.33 -0.16
C ALA H 51 19.99 30.98 1.10
N GLY H 52 20.83 31.50 1.98
CA GLY H 52 20.36 32.11 3.20
C GLY H 52 20.52 31.29 4.47
N ALA H 53 19.77 31.72 5.48
CA ALA H 53 19.96 31.22 6.83
C ALA H 53 19.69 29.69 6.92
N ALA H 54 18.72 29.21 6.19
CA ALA H 54 18.38 27.79 6.25
C ALA H 54 19.55 26.96 5.73
N ALA H 55 20.14 27.38 4.61
CA ALA H 55 21.34 26.73 4.07
C ALA H 55 22.51 26.75 5.03
N ALA H 56 22.68 27.87 5.71
CA ALA H 56 23.76 28.05 6.64
C ALA H 56 23.59 27.13 7.85
N ALA H 57 22.32 26.93 8.24
CA ALA H 57 21.96 26.05 9.34
C ALA H 57 22.30 24.63 8.96
N TYR H 58 21.87 24.26 7.76
CA TYR H 58 22.26 23.00 7.15
C TYR H 58 23.75 22.81 7.14
N SER H 59 24.50 23.86 6.79
CA SER H 59 25.96 23.78 6.69
C SER H 59 26.58 23.38 8.00
N GLN H 60 26.09 23.99 9.07
CA GLN H 60 26.61 23.76 10.41
C GLN H 60 26.30 22.34 10.86
N ALA H 61 25.10 21.86 10.53
CA ALA H 61 24.69 20.54 10.95
C ALA H 61 25.45 19.49 10.16
N HIS H 62 25.67 19.79 8.89
CA HIS H 62 26.43 18.93 8.01
C HIS H 62 27.86 18.74 8.52
N LYS H 63 28.54 19.82 8.88
CA LYS H 63 29.87 19.66 9.43
C LYS H 63 29.90 18.83 10.72
N GLU H 64 28.86 18.97 11.54
CA GLU H 64 28.71 18.18 12.77
C GLU H 64 28.52 16.71 12.47
N TRP H 65 27.66 16.37 11.51
CA TRP H 65 27.54 14.95 11.22
C TRP H 65 28.71 14.36 10.43
N MET H 66 29.43 15.19 9.68
CA MET H 66 30.63 14.72 8.99
C MET H 66 31.71 14.36 9.99
N ASP H 67 31.91 15.20 11.01
CA ASP H 67 32.84 14.91 12.10
C ASP H 67 32.41 13.59 12.76
N ALA H 68 31.14 13.50 13.08
CA ALA H 68 30.59 12.35 13.79
C ALA H 68 30.64 11.05 12.99
N ALA H 69 30.49 11.13 11.66
CA ALA H 69 30.50 9.91 10.84
C ALA H 69 31.91 9.34 10.82
N ARG H 70 32.90 10.21 10.92
CA ARG H 70 34.28 9.76 10.96
C ARG H 70 34.49 8.96 12.22
N GLU H 71 33.84 9.38 13.30
CA GLU H 71 33.91 8.70 14.58
C GLU H 71 33.27 7.32 14.50
N LEU H 72 32.13 7.28 13.86
CA LEU H 72 31.43 6.06 13.52
C LEU H 72 32.30 5.05 12.76
N VAL H 73 32.91 5.48 11.66
CA VAL H 73 33.73 4.59 10.84
C VAL H 73 34.99 4.12 11.60
N GLU H 74 35.58 5.00 12.40
CA GLU H 74 36.75 4.64 13.21
C GLU H 74 36.38 3.59 14.26
N GLY H 75 35.27 3.78 14.96
CA GLY H 75 34.81 2.79 15.91
C GLY H 75 34.57 1.43 15.26
N LEU H 76 33.93 1.43 14.10
CA LEU H 76 33.70 0.17 13.43
C LEU H 76 35.02 -0.47 13.08
N SER H 77 35.97 0.30 12.58
CA SER H 77 37.29 -0.21 12.30
C SER H 77 37.95 -0.88 13.53
N GLN H 78 37.91 -0.19 14.67
CA GLN H 78 38.36 -0.74 15.94
C GLN H 78 37.70 -2.08 16.26
N MET H 79 36.38 -2.16 16.07
CA MET H 79 35.65 -3.36 16.44
C MET H 79 36.12 -4.53 15.59
N GLU H 80 36.18 -4.34 14.28
CA GLU H 80 36.63 -5.38 13.34
C GLU H 80 38.06 -5.87 13.62
N GLU H 81 39.00 -4.96 13.92
CA GLU H 81 40.35 -5.36 14.33
C GLU H 81 40.34 -6.19 15.62
N ALA H 82 39.49 -5.76 16.57
CA ALA H 82 39.42 -6.43 17.88
C ALA H 82 38.92 -7.85 17.68
N ALA H 83 37.84 -7.97 16.91
CA ALA H 83 37.27 -9.28 16.65
C ALA H 83 38.28 -10.18 15.93
N ARG H 84 39.04 -9.62 15.00
CA ARG H 84 40.10 -10.41 14.32
C ARG H 84 41.24 -10.84 15.25
N THR H 85 41.57 -9.97 16.21
CA THR H 85 42.65 -10.27 17.12
C THR H 85 42.26 -11.52 17.90
N ALA H 86 40.97 -11.61 18.26
CA ALA H 86 40.48 -12.74 19.06
C ALA H 86 40.52 -14.08 18.32
N HIS H 87 40.63 -14.06 17.00
CA HIS H 87 41.05 -15.27 16.25
C HIS H 87 42.20 -14.97 15.31
N ILE I 2 -37.99 24.21 29.19
CA ILE I 2 -37.74 23.09 28.25
C ILE I 2 -38.28 23.40 26.86
N ASP I 3 -38.94 24.56 26.72
CA ASP I 3 -39.30 25.07 25.43
C ASP I 3 -38.07 25.38 24.59
N GLU I 4 -37.07 26.00 25.19
CA GLU I 4 -35.86 26.38 24.46
C GLU I 4 -35.05 25.15 24.07
N VAL I 5 -35.08 24.13 24.92
CA VAL I 5 -34.44 22.86 24.56
C VAL I 5 -35.21 22.22 23.40
N GLY I 6 -36.54 22.26 23.47
CA GLY I 6 -37.35 21.77 22.37
C GLY I 6 -37.10 22.55 21.08
N ALA I 7 -36.93 23.86 21.20
CA ALA I 7 -36.67 24.67 20.01
C ALA I 7 -35.33 24.30 19.37
N LEU I 8 -34.34 23.90 20.19
CA LEU I 8 -33.07 23.43 19.63
C LEU I 8 -33.29 22.22 18.79
N SER I 9 -34.11 21.31 19.31
CA SER I 9 -34.44 20.09 18.59
C SER I 9 -35.06 20.36 17.22
N LYS I 10 -36.01 21.28 17.21
CA LYS I 10 -36.71 21.65 15.98
C LYS I 10 -35.73 22.21 14.97
N PHE I 11 -34.81 23.04 15.47
CA PHE I 11 -33.81 23.65 14.61
C PHE I 11 -32.88 22.63 13.96
N ALA I 12 -32.36 21.73 14.77
CA ALA I 12 -31.49 20.67 14.28
C ALA I 12 -32.19 19.80 13.27
N ALA I 13 -33.43 19.38 13.55
CA ALA I 13 -34.16 18.53 12.62
C ALA I 13 -34.37 19.25 11.27
N SER I 14 -34.78 20.51 11.32
CA SER I 14 -35.03 21.28 10.11
C SER I 14 -33.75 21.47 9.29
N LEU I 15 -32.64 21.75 9.98
CA LEU I 15 -31.35 21.92 9.31
C LEU I 15 -30.91 20.58 8.67
N ALA I 16 -31.14 19.47 9.35
CA ALA I 16 -30.76 18.18 8.83
C ALA I 16 -31.53 17.93 7.56
N ASP I 17 -32.83 18.19 7.58
CA ASP I 17 -33.65 18.00 6.39
C ASP I 17 -33.21 18.84 5.21
N GLN I 18 -32.84 20.10 5.48
CA GLN I 18 -32.34 20.99 4.44
C GLN I 18 -31.00 20.53 3.86
N MET I 19 -30.14 20.03 4.72
CA MET I 19 -28.82 19.56 4.30
C MET I 19 -28.95 18.30 3.44
N ARG I 20 -29.87 17.42 3.81
CA ARG I 20 -30.06 16.22 3.01
C ARG I 20 -30.53 16.60 1.63
N ALA I 21 -31.52 17.48 1.57
CA ALA I 21 -32.02 17.92 0.30
C ALA I 21 -30.90 18.56 -0.55
N GLY I 22 -30.12 19.44 0.06
CA GLY I 22 -29.10 20.15 -0.72
C GLY I 22 -27.97 19.22 -1.13
N SER I 23 -27.60 18.31 -0.26
CA SER I 23 -26.54 17.34 -0.58
C SER I 23 -26.94 16.43 -1.74
N ASN I 24 -28.16 15.91 -1.69
CA ASN I 24 -28.62 15.06 -2.78
C ASN I 24 -28.69 15.84 -4.09
N SER I 25 -29.12 17.10 -4.00
CA SER I 25 -29.21 17.97 -5.16
C SER I 25 -27.82 18.19 -5.77
N LEU I 26 -26.83 18.45 -4.90
CA LEU I 26 -25.47 18.69 -5.36
C LEU I 26 -24.86 17.45 -5.97
N ASP I 27 -25.16 16.28 -5.40
CA ASP I 27 -24.63 15.04 -5.97
C ASP I 27 -24.99 14.86 -7.43
N ARG I 28 -26.24 15.13 -7.76
CA ARG I 28 -26.70 14.96 -9.14
C ARG I 28 -25.95 15.96 -10.02
N ASP I 29 -25.80 17.19 -9.55
CA ASP I 29 -25.04 18.18 -10.28
C ASP I 29 -23.56 17.76 -10.54
N VAL I 30 -22.85 17.40 -9.48
CA VAL I 30 -21.46 16.98 -9.64
C VAL I 30 -21.31 15.82 -10.62
N GLN I 31 -22.18 14.82 -10.52
CA GLN I 31 -21.96 13.62 -11.31
C GLN I 31 -22.04 13.91 -12.80
N SER I 32 -22.92 14.83 -13.15
CA SER I 32 -23.15 15.17 -14.54
C SER I 32 -21.98 15.94 -15.18
N LEU I 33 -20.97 16.31 -14.40
CA LEU I 33 -19.85 17.08 -14.97
C LEU I 33 -18.92 16.17 -15.74
N PHE I 34 -18.89 14.91 -15.33
CA PHE I 34 -17.78 14.05 -15.65
C PHE I 34 -17.92 13.38 -17.01
N GLY I 35 -19.09 13.51 -17.62
CA GLY I 35 -19.29 13.07 -18.99
C GLY I 35 -18.39 13.82 -19.94
N VAL I 36 -18.19 15.10 -19.71
CA VAL I 36 -17.33 15.89 -20.57
C VAL I 36 -16.05 16.41 -19.89
N TRP I 37 -16.06 16.56 -18.56
CA TRP I 37 -14.85 17.04 -17.87
C TRP I 37 -13.91 15.87 -17.54
N LYS I 38 -12.75 15.84 -18.20
CA LYS I 38 -11.79 14.77 -18.05
C LYS I 38 -10.47 15.31 -17.54
N GLY I 39 -9.63 14.41 -17.01
CA GLY I 39 -8.27 14.75 -16.64
C GLY I 39 -8.10 14.86 -15.12
N SER I 40 -6.91 15.31 -14.74
CA SER I 40 -6.49 15.27 -13.37
C SER I 40 -7.28 16.22 -12.47
N ALA I 41 -7.72 17.36 -13.00
CA ALA I 41 -8.53 18.25 -12.19
C ALA I 41 -9.92 17.67 -11.95
N ALA I 42 -10.50 17.05 -12.98
CA ALA I 42 -11.77 16.35 -12.90
C ALA I 42 -11.67 15.26 -11.84
N ASP I 43 -10.58 14.51 -11.86
CA ASP I 43 -10.38 13.44 -10.89
C ASP I 43 -10.27 13.96 -9.44
N ALA I 44 -9.53 15.07 -9.23
CA ALA I 44 -9.42 15.69 -7.90
C ALA I 44 -10.77 16.23 -7.39
N TYR I 45 -11.54 16.85 -8.27
CA TYR I 45 -12.89 17.32 -7.97
C TYR I 45 -13.83 16.20 -7.51
N ARG I 46 -13.81 15.09 -8.21
CA ARG I 46 -14.65 13.96 -7.85
C ARG I 46 -14.30 13.42 -6.46
N SER I 47 -13.02 13.32 -6.18
CA SER I 47 -12.55 12.92 -4.84
C SER I 47 -12.94 13.90 -3.77
N GLY I 48 -12.80 15.18 -4.11
CA GLY I 48 -13.23 16.27 -3.27
C GLY I 48 -14.71 16.17 -2.93
N TRP I 49 -15.53 15.92 -3.94
CA TRP I 49 -16.96 15.83 -3.69
C TRP I 49 -17.27 14.58 -2.83
N ASP I 50 -16.57 13.47 -3.07
CA ASP I 50 -16.79 12.28 -2.25
C ASP I 50 -16.56 12.60 -0.79
N GLU I 51 -15.53 13.40 -0.52
CA GLU I 51 -15.20 13.76 0.85
C GLU I 51 -16.20 14.77 1.40
N MET I 52 -16.56 15.74 0.57
CA MET I 52 -17.51 16.75 1.03
C MET I 52 -18.85 16.12 1.36
N GLN I 53 -19.27 15.17 0.54
CA GLN I 53 -20.55 14.52 0.71
C GLN I 53 -20.55 13.64 1.96
N ASP I 54 -19.42 13.00 2.20
CA ASP I 54 -19.23 12.18 3.39
C ASP I 54 -19.34 13.04 4.63
N GLY I 55 -18.71 14.22 4.60
CA GLY I 55 -18.79 15.16 5.70
C GLY I 55 -20.23 15.59 5.94
N ALA I 56 -20.93 15.91 4.86
CA ALA I 56 -22.28 16.44 4.97
C ALA I 56 -23.20 15.35 5.55
N THR I 57 -23.01 14.11 5.11
CA THR I 57 -23.80 13.00 5.61
C THR I 57 -23.60 12.79 7.11
N LYS I 58 -22.37 12.92 7.54
CA LYS I 58 -22.07 12.78 8.95
C LYS I 58 -22.63 13.93 9.78
N VAL I 59 -22.60 15.14 9.22
CA VAL I 59 -23.26 16.25 9.86
C VAL I 59 -24.74 16.01 10.08
N TRP I 60 -25.48 15.62 9.03
CA TRP I 60 -26.91 15.50 9.23
C TRP I 60 -27.27 14.28 10.06
N ASN I 61 -26.41 13.27 10.05
CA ASN I 61 -26.58 12.16 10.97
C ASN I 61 -26.55 12.62 12.44
N ALA I 62 -25.59 13.48 12.77
CA ALA I 62 -25.39 14.00 14.13
C ALA I 62 -26.51 14.96 14.52
N LEU I 63 -26.99 15.73 13.56
CA LEU I 63 -28.12 16.62 13.74
C LEU I 63 -29.41 15.84 13.98
N THR I 64 -29.67 14.86 13.15
CA THR I 64 -30.85 14.03 13.35
C THR I 64 -30.78 13.33 14.70
N ASP I 65 -29.60 12.83 15.06
CA ASP I 65 -29.43 12.17 16.35
C ASP I 65 -29.80 13.08 17.54
N ILE I 66 -29.23 14.28 17.57
CA ILE I 66 -29.48 15.17 18.70
C ILE I 66 -30.90 15.74 18.65
N ALA I 67 -31.48 15.89 17.46
CA ALA I 67 -32.89 16.28 17.37
C ALA I 67 -33.79 15.29 18.11
N SER I 68 -33.51 14.02 17.90
CA SER I 68 -34.28 12.94 18.46
C SER I 68 -34.10 12.86 20.00
N THR I 69 -32.87 13.05 20.46
CA THR I 69 -32.56 12.99 21.87
C THR I 69 -33.21 14.17 22.61
N LEU I 70 -32.99 15.38 22.12
CA LEU I 70 -33.60 16.55 22.74
C LEU I 70 -35.10 16.58 22.60
N GLY I 71 -35.61 16.14 21.45
CA GLY I 71 -37.03 16.04 21.19
C GLY I 71 -37.71 15.19 22.24
N SER I 72 -37.20 13.98 22.46
CA SER I 72 -37.83 13.11 23.45
C SER I 72 -37.68 13.67 24.87
N ASN I 73 -36.58 14.37 25.13
CA ASN I 73 -36.34 14.98 26.45
C ASN I 73 -37.37 16.06 26.72
N ALA I 74 -37.57 16.95 25.76
CA ALA I 74 -38.61 17.95 25.83
C ALA I 74 -40.00 17.30 25.97
N ALA I 75 -40.29 16.29 25.16
CA ALA I 75 -41.59 15.59 25.28
C ALA I 75 -41.80 14.99 26.67
N ALA I 76 -40.84 14.22 27.15
CA ALA I 76 -40.88 13.68 28.52
C ALA I 76 -41.15 14.78 29.57
N PHE I 77 -40.53 15.94 29.43
CA PHE I 77 -40.90 17.11 30.22
C PHE I 77 -42.14 17.73 29.64
N SER J 10 -16.34 26.09 -23.37
CA SER J 10 -16.92 27.22 -22.64
C SER J 10 -18.16 26.81 -21.85
N PHE J 11 -19.14 26.24 -22.53
CA PHE J 11 -20.24 25.58 -21.85
C PHE J 11 -19.77 24.73 -20.67
N ASP J 12 -18.79 23.87 -20.90
CA ASP J 12 -18.31 22.96 -19.87
C ASP J 12 -17.71 23.68 -18.67
N LEU J 13 -16.93 24.72 -18.90
CA LEU J 13 -16.34 25.44 -17.80
C LEU J 13 -17.37 26.25 -17.00
N ASP J 14 -18.40 26.78 -17.66
CA ASP J 14 -19.49 27.42 -16.93
C ASP J 14 -20.20 26.44 -16.01
N HIS J 15 -20.35 25.22 -16.49
CA HIS J 15 -21.03 24.16 -15.74
C HIS J 15 -20.25 23.90 -14.44
N ILE J 16 -18.92 23.83 -14.56
CA ILE J 16 -18.05 23.57 -13.43
C ILE J 16 -18.14 24.71 -12.45
N GLU J 17 -18.06 25.94 -12.93
CA GLU J 17 -18.11 27.09 -12.05
C GLU J 17 -19.46 27.14 -11.32
N GLN J 18 -20.54 26.90 -12.04
CA GLN J 18 -21.85 26.94 -11.42
C GLN J 18 -22.01 25.86 -10.35
N VAL J 19 -21.61 24.64 -10.65
CA VAL J 19 -21.75 23.59 -9.65
C VAL J 19 -20.88 23.90 -8.43
N THR J 20 -19.69 24.44 -8.67
CA THR J 20 -18.74 24.69 -7.58
C THR J 20 -19.27 25.88 -6.74
N SER J 21 -19.94 26.82 -7.40
CA SER J 21 -20.61 27.92 -6.68
C SER J 21 -21.74 27.44 -5.76
N ARG J 22 -22.56 26.53 -6.25
CA ARG J 22 -23.59 25.93 -5.43
C ARG J 22 -23.01 25.21 -4.23
N ALA J 23 -21.89 24.51 -4.45
CA ALA J 23 -21.24 23.77 -3.38
C ALA J 23 -20.72 24.70 -2.30
N ARG J 24 -20.10 25.79 -2.71
CA ARG J 24 -19.70 26.83 -1.80
C ARG J 24 -20.90 27.41 -1.05
N GLY J 25 -21.99 27.61 -1.78
CA GLY J 25 -23.22 28.14 -1.21
C GLY J 25 -23.69 27.17 -0.13
N PHE J 26 -23.69 25.89 -0.44
CA PHE J 26 -24.12 24.86 0.52
C PHE J 26 -23.26 24.84 1.79
N LYS J 27 -21.94 24.89 1.62
CA LYS J 27 -21.04 24.93 2.75
C LYS J 27 -21.27 26.13 3.65
N GLU J 28 -21.49 27.29 3.05
CA GLU J 28 -21.72 28.50 3.82
C GLU J 28 -23.04 28.44 4.59
N PHE J 29 -24.09 27.91 3.97
CA PHE J 29 -25.38 27.62 4.65
C PHE J 29 -25.18 26.67 5.84
N VAL J 30 -24.54 25.55 5.57
CA VAL J 30 -24.25 24.61 6.63
C VAL J 30 -23.55 25.27 7.78
N THR J 31 -22.45 25.96 7.52
CA THR J 31 -21.66 26.51 8.62
C THR J 31 -22.37 27.64 9.35
N GLU J 32 -23.09 28.50 8.64
CA GLU J 32 -23.84 29.56 9.29
C GLU J 32 -24.90 29.01 10.26
N ASN J 33 -25.58 27.97 9.83
CA ASN J 33 -26.64 27.41 10.65
C ASN J 33 -26.11 26.52 11.80
N LEU J 34 -25.00 25.84 11.59
CA LEU J 34 -24.36 25.13 12.69
C LEU J 34 -23.91 26.15 13.73
N ASP J 35 -23.41 27.30 13.27
CA ASP J 35 -23.10 28.40 14.16
C ASP J 35 -24.34 28.98 14.86
N GLN J 36 -25.46 29.13 14.17
CA GLN J 36 -26.67 29.62 14.82
C GLN J 36 -27.14 28.63 15.87
N LEU J 37 -27.04 27.33 15.56
CA LEU J 37 -27.45 26.30 16.49
C LEU J 37 -26.60 26.36 17.76
N GLU J 38 -25.28 26.45 17.59
CA GLU J 38 -24.36 26.60 18.72
C GLU J 38 -24.60 27.90 19.48
N SER J 39 -25.06 28.93 18.78
CA SER J 39 -25.35 30.23 19.40
C SER J 39 -26.67 30.19 20.22
N ARG J 40 -27.53 29.21 19.96
CA ARG J 40 -28.76 29.05 20.73
C ARG J 40 -28.52 28.16 21.92
N ALA J 41 -27.61 27.20 21.77
CA ALA J 41 -27.25 26.38 22.91
C ALA J 41 -26.34 27.15 23.85
N GLN J 42 -25.76 28.24 23.34
CA GLN J 42 -24.91 29.07 24.18
C GLN J 42 -25.80 29.81 25.16
N LYS J 43 -26.89 30.39 24.66
CA LYS J 43 -27.84 31.04 25.56
C LYS J 43 -28.23 30.04 26.66
N LEU J 44 -28.75 28.89 26.25
CA LEU J 44 -29.21 27.87 27.20
C LEU J 44 -28.24 27.55 28.31
N VAL J 45 -26.97 27.39 27.98
CA VAL J 45 -26.01 26.97 28.98
C VAL J 45 -25.80 28.07 30.03
N GLN J 46 -26.50 29.20 29.86
CA GLN J 46 -26.65 30.19 30.92
C GLN J 46 -27.83 31.13 30.63
N TRP J 50 -29.07 25.22 31.77
CA TRP J 50 -29.19 23.99 31.01
C TRP J 50 -28.00 23.09 31.28
N ALA J 51 -28.24 21.98 31.99
CA ALA J 51 -27.17 21.05 32.31
C ALA J 51 -27.61 19.60 32.47
N GLY J 52 -26.64 18.74 32.72
CA GLY J 52 -26.89 17.34 32.95
C GLY J 52 -26.79 16.53 31.69
N ALA J 53 -27.59 15.47 31.62
CA ALA J 53 -27.45 14.49 30.55
C ALA J 53 -27.80 15.03 29.16
N ALA J 54 -28.79 15.92 29.09
CA ALA J 54 -29.20 16.46 27.78
C ALA J 54 -28.11 17.36 27.24
N ALA J 55 -27.53 18.18 28.11
CA ALA J 55 -26.43 19.05 27.72
C ALA J 55 -25.22 18.25 27.28
N ALA J 56 -24.95 17.15 28.00
CA ALA J 56 -23.88 16.23 27.59
C ALA J 56 -24.16 15.63 26.21
N ALA J 57 -25.40 15.21 25.96
CA ALA J 57 -25.73 14.71 24.61
C ALA J 57 -25.43 15.78 23.56
N TYR J 58 -25.85 17.01 23.80
CA TYR J 58 -25.54 18.05 22.88
C TYR J 58 -24.00 18.17 22.61
N SER J 59 -23.18 18.10 23.65
CA SER J 59 -21.74 18.26 23.47
C SER J 59 -21.18 17.22 22.58
N GLN J 60 -21.64 15.98 22.78
CA GLN J 60 -21.16 14.87 22.03
C GLN J 60 -21.57 15.00 20.58
N ALA J 61 -22.81 15.42 20.32
CA ALA J 61 -23.27 15.65 18.96
C ALA J 61 -22.49 16.77 18.27
N HIS J 62 -22.23 17.85 19.01
CA HIS J 62 -21.46 18.97 18.47
C HIS J 62 -20.06 18.50 18.06
N LYS J 63 -19.47 17.66 18.89
CA LYS J 63 -18.16 17.13 18.55
C LYS J 63 -18.23 16.43 17.18
N GLU J 64 -19.24 15.61 17.02
CA GLU J 64 -19.37 14.84 15.81
C GLU J 64 -19.62 15.74 14.61
N TRP J 65 -20.45 16.78 14.73
CA TRP J 65 -20.70 17.57 13.54
C TRP J 65 -19.58 18.52 13.26
N MET J 66 -18.80 18.86 14.28
CA MET J 66 -17.66 19.70 14.08
C MET J 66 -16.60 18.92 13.33
N ASP J 67 -16.40 17.67 13.71
CA ASP J 67 -15.44 16.85 12.97
C ASP J 67 -15.94 16.62 11.53
N ALA J 68 -17.21 16.37 11.38
CA ALA J 68 -17.81 16.15 10.07
C ALA J 68 -17.81 17.44 9.20
N ALA J 69 -18.04 18.57 9.84
CA ALA J 69 -18.04 19.85 9.14
C ALA J 69 -16.62 20.14 8.62
N ARG J 70 -15.60 19.79 9.39
CA ARG J 70 -14.24 19.95 8.90
C ARG J 70 -13.91 19.05 7.72
N GLU J 71 -14.47 17.83 7.70
CA GLU J 71 -14.37 16.97 6.53
C GLU J 71 -15.07 17.59 5.31
N LEU J 72 -16.26 18.14 5.53
CA LEU J 72 -17.02 18.83 4.51
C LEU J 72 -16.21 19.96 3.88
N VAL J 73 -15.60 20.80 4.72
CA VAL J 73 -14.83 21.94 4.24
C VAL J 73 -13.56 21.53 3.49
N GLU J 74 -12.88 20.48 3.95
CA GLU J 74 -11.70 19.97 3.27
C GLU J 74 -12.07 19.50 1.86
N GLY J 75 -13.17 18.76 1.78
CA GLY J 75 -13.70 18.30 0.51
C GLY J 75 -13.98 19.42 -0.47
N LEU J 76 -14.69 20.45 0.00
CA LEU J 76 -14.95 21.64 -0.81
C LEU J 76 -13.66 22.31 -1.26
N SER J 77 -12.72 22.45 -0.34
CA SER J 77 -11.50 23.13 -0.69
C SER J 77 -10.78 22.39 -1.82
N GLN J 78 -10.80 21.06 -1.78
CA GLN J 78 -10.24 20.28 -2.88
C GLN J 78 -11.04 20.50 -4.19
N MET J 79 -12.36 20.58 -4.11
CA MET J 79 -13.15 20.90 -5.28
C MET J 79 -12.80 22.29 -5.85
N GLU J 80 -12.72 23.27 -4.97
CA GLU J 80 -12.41 24.64 -5.36
C GLU J 80 -11.06 24.71 -6.06
N GLU J 81 -10.08 23.99 -5.55
CA GLU J 81 -8.76 24.03 -6.11
C GLU J 81 -8.72 23.34 -7.49
N ALA J 82 -9.46 22.24 -7.62
CA ALA J 82 -9.56 21.55 -8.90
C ALA J 82 -10.24 22.42 -9.98
N ALA J 83 -11.30 23.12 -9.59
CA ALA J 83 -12.05 23.96 -10.53
C ALA J 83 -11.17 25.13 -10.99
N ARG J 84 -10.37 25.63 -10.06
CA ARG J 84 -9.47 26.74 -10.34
C ARG J 84 -8.35 26.26 -11.26
N THR J 85 -7.93 25.01 -11.07
CA THR J 85 -6.87 24.46 -11.91
C THR J 85 -7.42 24.36 -13.35
N ALA J 86 -8.70 24.02 -13.47
CA ALA J 86 -9.34 23.77 -14.76
C ALA J 86 -9.68 25.01 -15.55
N HIS J 87 -10.25 26.01 -14.89
CA HIS J 87 -10.75 27.20 -15.61
C HIS J 87 -10.01 28.48 -15.26
N GLY J 88 -9.12 28.44 -14.28
CA GLY J 88 -8.41 29.63 -13.88
C GLY J 88 -9.25 30.50 -12.94
N ASP K 3 1.37 -11.63 -28.06
CA ASP K 3 1.82 -11.32 -26.71
C ASP K 3 3.23 -11.86 -26.51
N GLU K 4 4.19 -11.36 -27.27
CA GLU K 4 5.50 -11.97 -27.28
C GLU K 4 6.15 -11.82 -25.91
N VAL K 5 5.90 -10.72 -25.22
CA VAL K 5 6.53 -10.51 -23.91
C VAL K 5 6.00 -11.54 -22.90
N GLY K 6 4.69 -11.77 -22.90
CA GLY K 6 4.10 -12.79 -22.06
C GLY K 6 4.59 -14.18 -22.43
N ALA K 7 4.70 -14.48 -23.72
CA ALA K 7 5.25 -15.79 -24.15
C ALA K 7 6.66 -16.03 -23.63
N LEU K 8 7.47 -14.97 -23.67
CA LEU K 8 8.84 -15.02 -23.22
C LEU K 8 8.82 -15.32 -21.77
N SER K 9 7.92 -14.69 -21.05
CA SER K 9 7.85 -14.90 -19.61
C SER K 9 7.48 -16.35 -19.32
N LYS K 10 6.50 -16.89 -20.03
CA LYS K 10 6.08 -18.27 -19.78
C LYS K 10 7.20 -19.25 -20.08
N PHE K 11 8.03 -18.94 -21.06
CA PHE K 11 9.16 -19.79 -21.44
C PHE K 11 10.25 -19.79 -20.34
N ALA K 12 10.66 -18.60 -19.92
CA ALA K 12 11.57 -18.47 -18.77
C ALA K 12 11.03 -19.18 -17.54
N ALA K 13 9.75 -18.97 -17.24
CA ALA K 13 9.15 -19.54 -16.02
C ALA K 13 9.18 -21.07 -16.06
N SER K 14 8.88 -21.65 -17.22
CA SER K 14 8.90 -23.09 -17.37
C SER K 14 10.31 -23.61 -17.21
N LEU K 15 11.26 -22.93 -17.85
CA LEU K 15 12.65 -23.31 -17.81
C LEU K 15 13.16 -23.25 -16.37
N ALA K 16 12.84 -22.16 -15.68
CA ALA K 16 13.21 -22.01 -14.27
C ALA K 16 12.73 -23.20 -13.43
N ASP K 17 11.48 -23.59 -13.60
CA ASP K 17 10.94 -24.72 -12.81
C ASP K 17 11.65 -26.06 -13.11
N GLN K 18 11.95 -26.30 -14.37
CA GLN K 18 12.60 -27.56 -14.74
C GLN K 18 14.04 -27.55 -14.20
N MET K 19 14.68 -26.40 -14.24
CA MET K 19 16.02 -26.33 -13.71
C MET K 19 16.08 -26.50 -12.20
N ARG K 20 15.13 -25.91 -11.48
CA ARG K 20 15.08 -26.11 -10.06
C ARG K 20 14.85 -27.57 -9.74
N ALA K 21 13.94 -28.20 -10.49
CA ALA K 21 13.65 -29.61 -10.24
C ALA K 21 14.87 -30.50 -10.50
N GLY K 22 15.57 -30.23 -11.60
CA GLY K 22 16.76 -30.96 -11.99
C GLY K 22 17.91 -30.82 -11.02
N SER K 23 18.18 -29.58 -10.65
CA SER K 23 19.22 -29.25 -9.72
C SER K 23 18.97 -29.86 -8.35
N ASN K 24 17.73 -29.77 -7.85
CA ASN K 24 17.36 -30.39 -6.59
C ASN K 24 17.50 -31.90 -6.62
N SER K 25 17.06 -32.52 -7.70
CA SER K 25 17.20 -33.96 -7.90
C SER K 25 18.67 -34.37 -7.98
N LEU K 26 19.49 -33.59 -8.68
CA LEU K 26 20.91 -33.91 -8.77
C LEU K 26 21.58 -33.72 -7.42
N ASP K 27 21.17 -32.71 -6.64
CA ASP K 27 21.80 -32.50 -5.35
C ASP K 27 21.60 -33.74 -4.50
N ARG K 28 20.38 -34.24 -4.50
CA ARG K 28 20.05 -35.43 -3.73
C ARG K 28 20.87 -36.63 -4.17
N ASP K 29 21.03 -36.81 -5.49
CA ASP K 29 21.81 -37.92 -6.03
C ASP K 29 23.29 -37.79 -5.64
N VAL K 30 23.86 -36.61 -5.81
CA VAL K 30 25.27 -36.39 -5.52
C VAL K 30 25.59 -36.56 -4.04
N GLN K 31 24.81 -35.93 -3.18
CA GLN K 31 25.03 -36.11 -1.77
C GLN K 31 24.93 -37.59 -1.41
N SER K 32 24.07 -38.35 -2.09
CA SER K 32 23.93 -39.76 -1.74
C SER K 32 25.22 -40.52 -2.06
N LEU K 33 25.95 -40.08 -3.07
CA LEU K 33 27.17 -40.77 -3.48
C LEU K 33 28.17 -40.77 -2.35
N PHE K 34 28.24 -39.66 -1.63
CA PHE K 34 29.31 -39.42 -0.65
C PHE K 34 29.15 -40.20 0.62
N GLY K 35 27.99 -40.82 0.81
CA GLY K 35 27.82 -41.76 1.89
C GLY K 35 28.75 -42.95 1.74
N VAL K 36 29.07 -43.31 0.49
CA VAL K 36 29.94 -44.44 0.24
C VAL K 36 31.26 -44.07 -0.45
N TRP K 37 31.26 -42.97 -1.20
CA TRP K 37 32.43 -42.60 -2.01
C TRP K 37 33.28 -41.61 -1.26
N LYS K 38 34.52 -42.03 -0.97
CA LYS K 38 35.44 -41.25 -0.16
C LYS K 38 36.78 -41.03 -0.86
N GLY K 39 37.57 -40.09 -0.38
CA GLY K 39 38.92 -39.90 -0.87
C GLY K 39 39.06 -38.73 -1.82
N SER K 40 40.26 -38.57 -2.36
CA SER K 40 40.59 -37.39 -3.16
C SER K 40 39.69 -37.23 -4.41
N ALA K 41 39.21 -38.31 -4.99
CA ALA K 41 38.37 -38.13 -6.18
C ALA K 41 36.97 -37.66 -5.74
N ALA K 42 36.43 -38.24 -4.67
CA ALA K 42 35.15 -37.79 -4.11
C ALA K 42 35.21 -36.31 -3.67
N ASP K 43 36.34 -35.89 -3.13
CA ASP K 43 36.50 -34.53 -2.67
C ASP K 43 36.48 -33.55 -3.85
N ALA K 44 37.15 -33.94 -4.93
CA ALA K 44 37.17 -33.17 -6.18
C ALA K 44 35.76 -33.06 -6.73
N TYR K 45 35.02 -34.15 -6.66
CA TYR K 45 33.64 -34.19 -7.16
C TYR K 45 32.71 -33.27 -6.36
N ARG K 46 32.81 -33.31 -5.03
CA ARG K 46 32.04 -32.42 -4.18
C ARG K 46 32.33 -30.95 -4.51
N SER K 47 33.61 -30.62 -4.63
CA SER K 47 34.04 -29.31 -5.10
C SER K 47 33.38 -28.93 -6.44
N GLY K 48 33.36 -29.86 -7.39
CA GLY K 48 32.76 -29.64 -8.70
C GLY K 48 31.26 -29.39 -8.62
N TRP K 49 30.60 -30.17 -7.76
CA TRP K 49 29.16 -30.06 -7.61
C TRP K 49 28.74 -28.78 -6.92
N ASP K 50 29.52 -28.32 -5.93
CA ASP K 50 29.22 -27.06 -5.22
C ASP K 50 29.20 -25.92 -6.21
N GLU K 51 30.14 -25.93 -7.15
CA GLU K 51 30.21 -24.91 -8.15
C GLU K 51 29.06 -25.06 -9.17
N MET K 52 28.78 -26.29 -9.56
CA MET K 52 27.73 -26.55 -10.56
C MET K 52 26.38 -26.14 -9.99
N GLN K 53 26.15 -26.49 -8.73
CA GLN K 53 24.88 -26.13 -8.09
C GLN K 53 24.77 -24.63 -7.87
N ASP K 54 25.89 -23.98 -7.55
CA ASP K 54 25.90 -22.54 -7.35
C ASP K 54 25.51 -21.87 -8.67
N GLY K 55 26.09 -22.36 -9.76
CA GLY K 55 25.79 -21.84 -11.09
C GLY K 55 24.34 -22.07 -11.46
N ALA K 56 23.84 -23.29 -11.31
CA ALA K 56 22.43 -23.58 -11.58
C ALA K 56 21.48 -22.69 -10.79
N THR K 57 21.81 -22.46 -9.53
CA THR K 57 20.99 -21.64 -8.68
C THR K 57 20.93 -20.23 -9.21
N LYS K 58 22.08 -19.68 -9.58
CA LYS K 58 22.13 -18.34 -10.17
C LYS K 58 21.37 -18.27 -11.50
N VAL K 59 21.44 -19.28 -12.35
CA VAL K 59 20.65 -19.27 -13.60
C VAL K 59 19.18 -19.16 -13.22
N TRP K 60 18.76 -20.07 -12.36
CA TRP K 60 17.40 -20.13 -11.90
C TRP K 60 16.91 -18.79 -11.36
N ASN K 61 17.73 -18.14 -10.52
CA ASN K 61 17.37 -16.84 -9.97
C ASN K 61 17.11 -15.81 -11.08
N ALA K 62 17.95 -15.84 -12.12
CA ALA K 62 17.85 -14.87 -13.20
C ALA K 62 16.59 -15.15 -14.02
N LEU K 63 16.30 -16.42 -14.26
CA LEU K 63 15.13 -16.78 -15.05
C LEU K 63 13.83 -16.41 -14.35
N THR K 64 13.82 -16.51 -13.04
CA THR K 64 12.64 -16.26 -12.21
C THR K 64 12.37 -14.75 -12.15
N ASP K 65 13.45 -14.01 -11.96
CA ASP K 65 13.43 -12.56 -12.03
C ASP K 65 12.80 -12.08 -13.35
N ILE K 66 13.40 -12.51 -14.46
CA ILE K 66 12.94 -12.04 -15.75
C ILE K 66 11.52 -12.53 -16.08
N ALA K 67 11.18 -13.75 -15.65
CA ALA K 67 9.80 -14.24 -15.80
C ALA K 67 8.81 -13.31 -15.12
N SER K 68 9.14 -12.96 -13.90
CA SER K 68 8.32 -12.07 -13.13
C SER K 68 8.16 -10.67 -13.75
N THR K 69 9.27 -10.09 -14.19
CA THR K 69 9.24 -8.79 -14.83
C THR K 69 8.46 -8.80 -16.14
N LEU K 70 8.75 -9.80 -16.97
CA LEU K 70 8.12 -9.83 -18.30
C LEU K 70 6.63 -10.23 -18.23
N GLY K 71 6.23 -10.87 -17.13
CA GLY K 71 4.86 -11.36 -17.00
C GLY K 71 3.88 -10.30 -16.51
N SER K 72 4.42 -9.18 -16.06
CA SER K 72 3.61 -8.08 -15.61
C SER K 72 3.07 -7.30 -16.81
N ASN K 73 1.79 -6.96 -16.77
CA ASN K 73 1.11 -6.38 -17.93
C ASN K 73 1.86 -5.17 -18.45
N ALA K 74 2.39 -4.37 -17.53
CA ALA K 74 3.12 -3.17 -17.90
C ALA K 74 4.29 -3.49 -18.83
N ALA K 75 4.81 -4.73 -18.76
CA ALA K 75 6.05 -5.07 -19.45
C ALA K 75 6.03 -4.83 -20.96
N ALA K 76 4.84 -4.85 -21.58
CA ALA K 76 4.74 -4.73 -23.03
C ALA K 76 4.78 -3.28 -23.51
N PHE K 77 4.34 -2.36 -22.68
CA PHE K 77 4.06 -1.02 -23.19
C PHE K 77 5.17 -0.02 -22.94
N HIS K 78 5.47 0.81 -23.93
CA HIS K 78 6.28 2.03 -23.76
C HIS K 78 5.46 3.14 -23.08
N ALA K 79 6.08 3.81 -22.11
CA ALA K 79 5.41 4.81 -21.25
C ALA K 79 4.41 4.17 -20.28
N PHE L 9 32.79 -52.71 -14.18
CA PHE L 9 32.96 -51.92 -12.97
C PHE L 9 31.97 -52.36 -11.87
N SER L 10 32.23 -51.93 -10.64
CA SER L 10 31.38 -52.30 -9.49
C SER L 10 30.07 -51.50 -9.50
N PHE L 11 29.12 -51.89 -8.66
CA PHE L 11 27.90 -51.13 -8.50
C PHE L 11 28.15 -49.64 -8.19
N ASP L 12 28.99 -49.34 -7.19
CA ASP L 12 29.21 -47.96 -6.75
C ASP L 12 29.80 -47.08 -7.85
N LEU L 13 30.74 -47.62 -8.61
CA LEU L 13 31.28 -46.90 -9.76
C LEU L 13 30.22 -46.69 -10.86
N ASP L 14 29.36 -47.68 -11.11
CA ASP L 14 28.24 -47.47 -12.03
C ASP L 14 27.29 -46.37 -11.53
N HIS L 15 27.06 -46.31 -10.24
CA HIS L 15 26.24 -45.26 -9.67
C HIS L 15 26.84 -43.92 -9.94
N ILE L 16 28.13 -43.81 -9.64
CA ILE L 16 28.89 -42.58 -9.84
C ILE L 16 28.82 -42.17 -11.30
N GLU L 17 29.00 -43.12 -12.21
CA GLU L 17 28.94 -42.82 -13.64
C GLU L 17 27.56 -42.29 -14.04
N GLN L 18 26.51 -42.91 -13.51
CA GLN L 18 25.15 -42.54 -13.86
C GLN L 18 24.77 -41.16 -13.31
N VAL L 19 25.09 -40.87 -12.06
CA VAL L 19 24.81 -39.56 -11.54
C VAL L 19 25.54 -38.49 -12.38
N THR L 20 26.79 -38.76 -12.73
CA THR L 20 27.59 -37.84 -13.52
C THR L 20 26.99 -37.60 -14.92
N SER L 21 26.52 -38.68 -15.52
CA SER L 21 25.85 -38.63 -16.82
C SER L 21 24.50 -37.88 -16.70
N ARG L 22 23.78 -38.00 -15.56
CA ARG L 22 22.63 -37.12 -15.33
C ARG L 22 23.06 -35.64 -15.24
N ALA L 23 24.18 -35.35 -14.58
CA ALA L 23 24.67 -33.99 -14.49
C ALA L 23 25.05 -33.42 -15.87
N ARG L 24 25.75 -34.22 -16.66
CA ARG L 24 26.01 -33.83 -18.04
C ARG L 24 24.71 -33.53 -18.82
N GLY L 25 23.72 -34.42 -18.74
CA GLY L 25 22.47 -34.22 -19.46
C GLY L 25 21.80 -32.91 -19.01
N PHE L 26 21.85 -32.63 -17.72
CA PHE L 26 21.27 -31.43 -17.19
C PHE L 26 22.01 -30.19 -17.71
N LYS L 27 23.33 -30.25 -17.76
CA LYS L 27 24.10 -29.16 -18.35
C LYS L 27 23.68 -28.92 -19.81
N GLU L 28 23.51 -29.99 -20.57
CA GLU L 28 23.16 -29.82 -21.98
C GLU L 28 21.76 -29.22 -22.12
N PHE L 29 20.85 -29.65 -21.28
CA PHE L 29 19.51 -29.13 -21.28
C PHE L 29 19.54 -27.62 -20.94
N VAL L 30 20.29 -27.24 -19.93
CA VAL L 30 20.35 -25.84 -19.52
C VAL L 30 20.90 -24.92 -20.61
N THR L 31 22.02 -25.30 -21.22
CA THR L 31 22.66 -24.51 -22.24
C THR L 31 21.82 -24.46 -23.54
N GLU L 32 21.21 -25.58 -23.90
CA GLU L 32 20.33 -25.63 -25.06
C GLU L 32 19.12 -24.70 -24.87
N ASN L 33 18.54 -24.70 -23.68
CA ASN L 33 17.35 -23.88 -23.45
C ASN L 33 17.65 -22.41 -23.15
N LEU L 34 18.84 -22.10 -22.62
CA LEU L 34 19.24 -20.71 -22.54
C LEU L 34 19.46 -20.11 -23.92
N ASP L 35 20.05 -20.90 -24.82
CA ASP L 35 20.07 -20.55 -26.24
C ASP L 35 18.68 -20.26 -26.82
N GLN L 36 17.71 -21.14 -26.58
CA GLN L 36 16.36 -20.92 -27.14
C GLN L 36 15.75 -19.65 -26.57
N LEU L 37 15.94 -19.43 -25.28
CA LEU L 37 15.41 -18.27 -24.62
C LEU L 37 15.99 -17.01 -25.27
N GLU L 38 17.28 -16.97 -25.47
CA GLU L 38 17.93 -15.84 -26.08
C GLU L 38 17.42 -15.61 -27.51
N SER L 39 17.16 -16.67 -28.24
CA SER L 39 16.64 -16.56 -29.59
C SER L 39 15.23 -15.97 -29.62
N ARG L 40 14.44 -16.31 -28.61
CA ARG L 40 13.11 -15.74 -28.48
C ARG L 40 13.21 -14.28 -28.07
N ALA L 41 14.09 -14.00 -27.13
CA ALA L 41 14.30 -12.62 -26.70
C ALA L 41 14.69 -11.72 -27.85
N GLN L 42 15.50 -12.22 -28.78
CA GLN L 42 15.89 -11.40 -29.93
C GLN L 42 14.71 -10.99 -30.78
N LYS L 43 13.68 -11.82 -30.78
CA LYS L 43 12.43 -11.48 -31.44
C LYS L 43 11.81 -10.19 -30.87
N LEU L 44 11.93 -9.98 -29.56
CA LEU L 44 11.45 -8.74 -28.94
C LEU L 44 12.36 -7.56 -29.21
N VAL L 45 13.67 -7.80 -29.29
CA VAL L 45 14.59 -6.71 -29.71
C VAL L 45 14.25 -6.24 -31.12
N GLN L 46 13.95 -7.21 -31.97
CA GLN L 46 13.57 -6.93 -33.35
C GLN L 46 12.25 -6.17 -33.49
N SER L 47 11.24 -6.54 -32.71
CA SER L 47 9.95 -5.82 -32.75
C SER L 47 9.90 -4.62 -31.82
N GLY L 48 10.74 -4.62 -30.77
CA GLY L 48 10.72 -3.52 -29.84
C GLY L 48 9.51 -3.52 -28.92
N GLN L 49 8.71 -4.59 -28.95
CA GLN L 49 7.45 -4.59 -28.22
C GLN L 49 7.60 -4.99 -26.73
N TRP L 50 8.50 -4.32 -26.04
CA TRP L 50 8.60 -4.43 -24.60
C TRP L 50 9.07 -3.10 -24.03
N ALA L 51 8.63 -2.81 -22.81
CA ALA L 51 9.04 -1.59 -22.12
C ALA L 51 10.56 -1.55 -21.99
N GLY L 52 11.14 -0.36 -22.06
CA GLY L 52 12.57 -0.19 -21.86
C GLY L 52 13.07 -0.77 -20.55
N ALA L 53 12.27 -0.69 -19.49
CA ALA L 53 12.76 -1.21 -18.21
C ALA L 53 12.74 -2.73 -18.24
N ALA L 54 11.78 -3.30 -18.97
CA ALA L 54 11.75 -4.76 -19.17
C ALA L 54 12.91 -5.20 -20.05
N ALA L 55 13.20 -4.47 -21.13
CA ALA L 55 14.37 -4.80 -21.95
C ALA L 55 15.69 -4.70 -21.15
N ALA L 56 15.77 -3.68 -20.30
CA ALA L 56 16.96 -3.50 -19.46
C ALA L 56 17.09 -4.60 -18.40
N ALA L 57 15.96 -5.04 -17.87
CA ALA L 57 15.93 -6.19 -16.96
C ALA L 57 16.40 -7.45 -17.66
N TYR L 58 15.97 -7.64 -18.89
CA TYR L 58 16.44 -8.79 -19.65
C TYR L 58 17.95 -8.78 -19.86
N SER L 59 18.47 -7.65 -20.34
CA SER L 59 19.91 -7.48 -20.53
C SER L 59 20.69 -7.87 -19.27
N GLN L 60 20.19 -7.42 -18.14
CA GLN L 60 20.87 -7.71 -16.88
C GLN L 60 20.78 -9.20 -16.52
N ALA L 61 19.60 -9.77 -16.70
CA ALA L 61 19.42 -11.20 -16.43
C ALA L 61 20.29 -12.06 -17.38
N HIS L 62 20.38 -11.67 -18.64
CA HIS L 62 21.23 -12.38 -19.64
C HIS L 62 22.70 -12.41 -19.19
N LYS L 63 23.17 -11.25 -18.75
CA LYS L 63 24.48 -11.09 -18.20
C LYS L 63 24.68 -12.03 -17.01
N GLU L 64 23.71 -12.09 -16.11
CA GLU L 64 23.83 -12.98 -14.96
C GLU L 64 23.85 -14.46 -15.34
N TRP L 65 22.95 -14.87 -16.21
CA TRP L 65 22.85 -16.28 -16.49
C TRP L 65 23.97 -16.80 -17.37
N MET L 66 24.60 -15.91 -18.15
CA MET L 66 25.81 -16.28 -18.89
C MET L 66 26.98 -16.55 -17.95
N ASP L 67 27.20 -15.65 -17.02
CA ASP L 67 28.19 -15.93 -15.99
C ASP L 67 27.88 -17.24 -15.23
N ALA L 68 26.61 -17.48 -14.92
CA ALA L 68 26.27 -18.61 -14.11
C ALA L 68 26.39 -19.90 -14.91
N ALA L 69 26.01 -19.84 -16.17
CA ALA L 69 26.17 -21.00 -17.01
C ALA L 69 27.64 -21.40 -17.10
N ARG L 70 28.55 -20.42 -17.07
CA ARG L 70 29.98 -20.67 -17.15
C ARG L 70 30.42 -21.43 -15.91
N GLU L 71 29.95 -20.98 -14.77
CA GLU L 71 30.26 -21.64 -13.54
C GLU L 71 29.71 -23.07 -13.52
N LEU L 72 28.51 -23.24 -14.02
CA LEU L 72 27.87 -24.55 -14.15
C LEU L 72 28.71 -25.53 -14.93
N VAL L 73 29.22 -25.10 -16.08
CA VAL L 73 30.05 -25.94 -16.94
C VAL L 73 31.42 -26.23 -16.31
N GLU L 74 31.95 -25.29 -15.59
CA GLU L 74 33.24 -25.49 -14.92
C GLU L 74 33.07 -26.54 -13.83
N GLY L 75 31.97 -26.47 -13.10
CA GLY L 75 31.72 -27.41 -12.05
C GLY L 75 31.54 -28.80 -12.62
N LEU L 76 30.81 -28.86 -13.72
CA LEU L 76 30.61 -30.15 -14.38
C LEU L 76 31.93 -30.77 -14.85
N SER L 77 32.80 -29.96 -15.43
CA SER L 77 34.12 -30.42 -15.84
C SER L 77 34.98 -31.03 -14.69
N GLN L 78 34.88 -30.45 -13.51
CA GLN L 78 35.58 -31.04 -12.37
C GLN L 78 34.96 -32.41 -11.95
N MET L 79 33.64 -32.47 -11.93
CA MET L 79 32.93 -33.69 -11.60
C MET L 79 33.32 -34.77 -12.57
N GLU L 80 33.38 -34.44 -13.86
CA GLU L 80 33.71 -35.47 -14.84
C GLU L 80 35.14 -35.99 -14.67
N GLU L 81 36.09 -35.10 -14.41
CA GLU L 81 37.45 -35.55 -14.17
C GLU L 81 37.56 -36.41 -12.92
N ALA L 82 36.78 -36.10 -11.90
CA ALA L 82 36.81 -36.87 -10.65
C ALA L 82 36.18 -38.26 -10.83
N ALA L 83 35.13 -38.33 -11.62
CA ALA L 83 34.48 -39.60 -11.89
C ALA L 83 35.41 -40.50 -12.70
N ARG L 84 36.12 -39.91 -13.66
CA ARG L 84 37.09 -40.66 -14.47
C ARG L 84 38.22 -41.22 -13.58
N THR L 85 38.70 -40.40 -12.64
CA THR L 85 39.71 -40.83 -11.69
C THR L 85 39.24 -42.03 -10.85
N ALA L 86 37.99 -42.00 -10.36
CA ALA L 86 37.45 -43.16 -9.61
C ALA L 86 37.42 -44.44 -10.43
N HIS L 87 37.14 -44.30 -11.74
CA HIS L 87 37.17 -45.40 -12.70
C HIS L 87 38.54 -45.84 -13.24
N GLY L 88 39.60 -45.14 -12.90
CA GLY L 88 40.94 -45.56 -13.34
C GLY L 88 41.67 -44.66 -14.33
N ALA L 89 41.09 -43.53 -14.67
CA ALA L 89 41.74 -42.63 -15.63
C ALA L 89 42.56 -41.56 -14.92
N TYR L 90 43.68 -41.97 -14.35
CA TYR L 90 44.48 -41.05 -13.56
C TYR L 90 45.24 -40.08 -14.45
#